data_3TL5
#
_entry.id   3TL5
#
_cell.length_a   140.865
_cell.length_b   67.012
_cell.length_c   105.812
_cell.angle_alpha   90.000
_cell.angle_beta   96.770
_cell.angle_gamma   90.000
#
_symmetry.space_group_name_H-M   'C 1 2 1'
#
loop_
_entity.id
_entity.type
_entity.pdbx_description
1 polymer 'Phosphatidylinositol-4,5-bisphosphate 3-kinase catalytic subunit gamma isoform'
2 non-polymer (2S)-1-(4-{[2-(2-aminopyrimidin-5-yl)-7-methyl-4-(morpholin-4-yl)thieno[3,2-d]pyrimidin-6-yl]methyl}piperazin-1-yl)-2-hydroxypropan-1-one
3 water water
#
_entity_poly.entity_id   1
_entity_poly.type   'polypeptide(L)'
_entity_poly.pdbx_seq_one_letter_code
;MSEESQAFQRQLTALIGYDVTDVSNVHDDELEFTRRGLVTPRMAEVASRDPKLYAMHPWVTSKPLPEYLWKKIANNCIFI
VIHRSTTSQTIKVSPDDTPGAILQSFFTKMAKKKSLMDIPESQSEQDFVLRVCGRDEYLVGETPIKNFQWVRHCLKNGEE
IHVVLDTPPDPALDEVRKEEWPLVDDCTGVTGYHEQLTIHGKDHESVFTVSLWDCDRKFRVKIRGIDIPVLPRNTDLTVF
VEANIQHGQQVLCQRRTSPKPFTEEVLWNVWLEFSIKIKDLPKGALLNLQIYCGKAPALSSKASAESPSSESKGKVQLLY
YVNLLLIDHRFLLRRGEYVLHMWQISGKGEDQGSFNADKLTSATNPDKENSMSISILLDNYCHPIALPKHQPTPDPEGDR
VRAEMPNQLRKQLEAIIATDPLNPLTAEDKELLWHFRYESLKHPKAYPKLFSSVKWGQQEIVAKTYQLLARREVWDQSAL
DVGLTMQLLDCNFSDENVRAIAVQKLESLEDDDVLHYLLQLVQAVKFEPYHDSALARFLLKRGLRNKRIGHFLFWFLRSE
IAQSRHYQQRFAVILEAYLRGCGTAMLHDFTQQVQVIEMLQKVTLDIKSLSAEKYDVSSQVISQLKQKLENLQNSQLPES
FRVPYDPGLKAGALAIEKCKVMASKKKPLWLEFKCADPTALSNETIGIIFKHGDDLRQDMLILQILRIMESIWETESLDL
CLLPYGCISTGDKIGMIEIVKDATTIAKIQQSTVGNTGAFKDEVLNHWLKEKSPTEEKFQAAVERFVYSCAGYCVATFVL
GIGDRHNDNIMITETGNLFHIDFGHILGNYKSFLGINKERVPFVLTPDFLFVMGTSGKKTSPHFQKFQDICVKAYLALRH
HTNLLIILFSMMLMTGMPQLTSKEDIEYIRDALTVGKNEEDAKKYFLDQIEVCRDKGWTVQFNWFLHLVLGIKQGEKHSA
HHHHHH
;
_entity_poly.pdbx_strand_id   A
#
loop_
_chem_comp.id
_chem_comp.type
_chem_comp.name
_chem_comp.formula
980 non-polymer (2S)-1-(4-{[2-(2-aminopyrimidin-5-yl)-7-methyl-4-(morpholin-4-yl)thieno[3,2-d]pyrimidin-6-yl]methyl}piperazin-1-yl)-2-hydroxypropan-1-one 'C23 H30 N8 O3 S'
#
# COMPACT_ATOMS: atom_id res chain seq x y z
N MET A 1 -3.55 36.64 -8.38
CA MET A 1 -4.19 35.56 -9.15
C MET A 1 -5.65 35.87 -9.45
N SER A 2 -6.30 35.09 -10.30
CA SER A 2 -7.68 35.43 -10.61
C SER A 2 -8.57 35.09 -9.43
N GLU A 3 -9.72 35.77 -9.35
CA GLU A 3 -10.69 35.54 -8.28
C GLU A 3 -11.25 34.13 -8.29
N GLU A 4 -11.30 33.59 -9.49
CA GLU A 4 -11.75 32.25 -9.78
C GLU A 4 -10.59 31.32 -9.49
N SER A 5 -9.39 31.81 -9.73
CA SER A 5 -8.27 30.95 -9.52
C SER A 5 -8.32 30.62 -8.02
N GLN A 6 -8.82 31.53 -7.18
CA GLN A 6 -8.96 31.24 -5.73
C GLN A 6 -10.18 30.40 -5.33
N ALA A 7 -11.28 30.52 -6.08
CA ALA A 7 -12.46 29.72 -5.79
C ALA A 7 -12.07 28.29 -6.12
N PHE A 8 -11.21 28.18 -7.12
CA PHE A 8 -10.62 26.92 -7.54
C PHE A 8 -9.75 26.26 -6.44
N GLN A 9 -8.72 26.98 -6.00
CA GLN A 9 -7.81 26.49 -4.96
C GLN A 9 -8.46 26.01 -3.66
N ARG A 10 -9.61 26.58 -3.32
CA ARG A 10 -10.37 26.16 -2.15
C ARG A 10 -11.07 24.85 -2.38
N GLN A 11 -11.37 24.63 -3.66
CA GLN A 11 -11.95 23.39 -4.08
C GLN A 11 -10.86 22.36 -3.90
N LEU A 12 -9.70 22.65 -4.46
CA LEU A 12 -8.54 21.79 -4.25
C LEU A 12 -8.36 21.44 -2.73
N THR A 13 -8.43 22.42 -1.83
CA THR A 13 -8.28 22.11 -0.40
C THR A 13 -9.30 21.11 0.18
N ALA A 14 -10.56 21.23 -0.23
CA ALA A 14 -11.63 20.36 0.29
C ALA A 14 -11.41 18.93 -0.18
N LEU A 15 -10.82 18.77 -1.35
CA LEU A 15 -10.54 17.44 -1.86
C LEU A 15 -9.34 16.88 -1.16
N ILE A 16 -8.31 17.72 -0.96
CA ILE A 16 -7.06 17.33 -0.33
C ILE A 16 -7.23 16.98 1.16
N GLY A 17 -8.01 17.81 1.87
CA GLY A 17 -8.18 17.72 3.31
C GLY A 17 -7.05 18.45 4.04
N TYR A 18 -6.33 19.25 3.28
CA TYR A 18 -5.25 20.11 3.75
C TYR A 18 -5.03 21.35 2.89
N ASP A 19 -4.65 22.46 3.53
CA ASP A 19 -4.47 23.70 2.78
C ASP A 19 -2.98 23.99 2.53
N VAL A 20 -2.57 23.78 1.28
CA VAL A 20 -1.16 23.83 0.94
C VAL A 20 -0.68 25.22 0.62
N THR A 21 -1.56 26.20 0.65
CA THR A 21 -1.16 27.56 0.46
C THR A 21 -0.85 28.18 1.82
N ASP A 22 -1.09 27.37 2.85
CA ASP A 22 -0.92 27.79 4.24
C ASP A 22 0.55 27.67 4.63
N VAL A 23 1.15 28.80 4.95
CA VAL A 23 2.59 28.90 5.28
C VAL A 23 3.02 28.96 6.76
N SER A 24 2.06 28.78 7.67
CA SER A 24 2.27 28.87 9.11
C SER A 24 3.30 27.89 9.70
N ASN A 25 3.43 26.72 9.11
CA ASN A 25 4.34 25.74 9.68
C ASN A 25 5.38 25.35 8.66
N VAL A 26 6.29 26.29 8.43
CA VAL A 26 7.43 26.07 7.55
C VAL A 26 8.45 27.14 7.94
N HIS A 27 9.70 26.70 7.95
CA HIS A 27 10.85 27.59 8.16
C HIS A 27 11.57 27.92 6.86
N ASP A 28 10.98 27.48 5.75
CA ASP A 28 11.58 27.69 4.44
C ASP A 28 10.62 27.53 3.32
N ASP A 29 11.18 27.65 2.12
CA ASP A 29 10.39 27.64 0.88
C ASP A 29 10.34 26.28 0.12
N GLU A 30 10.88 25.23 0.73
CA GLU A 30 10.95 23.94 0.05
C GLU A 30 9.62 23.45 -0.57
N LEU A 31 8.54 23.45 0.23
CA LEU A 31 7.24 23.04 -0.23
C LEU A 31 6.68 23.89 -1.41
N GLU A 32 6.85 25.21 -1.37
CA GLU A 32 6.34 26.07 -2.47
C GLU A 32 7.16 25.94 -3.73
N PHE A 33 8.45 25.73 -3.52
CA PHE A 33 9.36 25.50 -4.61
C PHE A 33 8.90 24.20 -5.28
N THR A 34 8.56 23.20 -4.47
CA THR A 34 8.14 21.91 -4.98
C THR A 34 6.80 21.99 -5.75
N ARG A 35 5.88 22.86 -5.32
CA ARG A 35 4.64 23.13 -6.05
C ARG A 35 4.95 23.65 -7.44
N ARG A 36 5.87 24.59 -7.47
CA ARG A 36 6.31 25.22 -8.70
C ARG A 36 7.08 24.21 -9.53
N GLY A 37 7.89 23.40 -8.86
CA GLY A 37 8.70 22.46 -9.59
C GLY A 37 7.98 21.36 -10.30
N LEU A 38 6.78 21.08 -9.79
CA LEU A 38 5.96 20.00 -10.28
C LEU A 38 5.06 20.42 -11.42
N VAL A 39 5.01 21.73 -11.67
CA VAL A 39 4.14 22.28 -12.70
C VAL A 39 4.57 21.74 -14.05
N THR A 40 5.88 21.63 -14.27
CA THR A 40 6.37 21.13 -15.56
C THR A 40 6.01 19.66 -15.83
N PRO A 41 6.38 18.74 -14.93
CA PRO A 41 5.97 17.32 -15.07
C PRO A 41 4.47 17.13 -15.23
N ARG A 42 3.69 17.86 -14.44
CA ARG A 42 2.22 17.82 -14.52
C ARG A 42 1.89 18.15 -16.01
N MET A 43 2.24 19.36 -16.43
CA MET A 43 1.91 19.85 -17.75
C MET A 43 2.45 18.91 -18.87
N ALA A 44 3.68 18.48 -18.71
CA ALA A 44 4.26 17.53 -19.66
C ALA A 44 3.39 16.26 -19.93
N GLU A 45 2.83 15.64 -18.88
CA GLU A 45 2.10 14.37 -19.00
C GLU A 45 0.69 14.58 -19.54
N VAL A 46 0.05 15.67 -19.12
CA VAL A 46 -1.26 16.08 -19.61
C VAL A 46 -1.15 16.33 -21.12
N ALA A 47 -0.07 17.00 -21.49
CA ALA A 47 0.18 17.30 -22.88
C ALA A 47 0.41 16.01 -23.69
N SER A 48 1.07 15.01 -23.12
CA SER A 48 1.45 13.86 -23.96
C SER A 48 0.42 12.71 -23.99
N ARG A 49 -0.69 12.87 -23.30
CA ARG A 49 -1.65 11.78 -23.21
C ARG A 49 -2.73 11.86 -24.26
N ASP A 50 -2.97 10.70 -24.88
CA ASP A 50 -4.03 10.56 -25.85
C ASP A 50 -5.29 10.75 -25.07
N PRO A 51 -6.11 11.72 -25.48
CA PRO A 51 -7.34 12.11 -24.79
C PRO A 51 -8.37 11.00 -24.78
N LYS A 52 -8.44 10.33 -25.93
CA LYS A 52 -9.41 9.29 -26.18
C LYS A 52 -9.14 8.11 -25.26
N LEU A 53 -7.91 7.59 -25.32
CA LEU A 53 -7.58 6.46 -24.45
C LEU A 53 -7.59 6.78 -22.97
N TYR A 54 -7.24 8.03 -22.64
CA TYR A 54 -7.26 8.48 -21.26
C TYR A 54 -8.69 8.57 -20.74
N ALA A 55 -9.62 8.83 -21.64
CA ALA A 55 -11.02 8.95 -21.26
C ALA A 55 -11.66 7.59 -20.95
N MET A 56 -11.26 6.57 -21.69
CA MET A 56 -11.76 5.19 -21.48
C MET A 56 -10.94 4.25 -20.60
N HIS A 57 -9.69 4.63 -20.32
CA HIS A 57 -8.90 3.99 -19.29
C HIS A 57 -8.82 2.46 -19.39
N PRO A 58 -8.63 1.92 -20.59
CA PRO A 58 -8.66 0.46 -20.75
C PRO A 58 -7.72 -0.20 -19.77
N TRP A 59 -8.16 -1.28 -19.13
CA TRP A 59 -7.39 -1.98 -18.10
C TRP A 59 -6.82 -3.20 -18.78
N VAL A 60 -5.51 -3.23 -18.97
CA VAL A 60 -4.89 -4.24 -19.79
C VAL A 60 -3.64 -4.83 -19.17
N THR A 61 -3.06 -5.85 -19.81
CA THR A 61 -1.83 -6.53 -19.37
C THR A 61 -0.97 -7.18 -20.48
N SER A 62 0.35 -7.16 -20.33
CA SER A 62 1.22 -7.81 -21.32
C SER A 62 1.55 -9.27 -20.99
N LYS A 63 1.17 -9.71 -19.81
CA LYS A 63 1.44 -11.09 -19.37
C LYS A 63 0.68 -12.14 -20.18
N PRO A 64 1.26 -13.34 -20.30
CA PRO A 64 0.62 -14.45 -21.01
C PRO A 64 -0.52 -14.97 -20.12
N LEU A 65 -1.65 -15.34 -20.72
CA LEU A 65 -2.74 -15.94 -19.97
C LEU A 65 -2.24 -17.14 -19.19
N PRO A 66 -2.50 -17.16 -17.87
CA PRO A 66 -2.01 -18.27 -17.05
C PRO A 66 -2.59 -19.57 -17.60
N GLU A 67 -1.93 -20.67 -17.29
CA GLU A 67 -2.38 -21.98 -17.77
C GLU A 67 -3.75 -22.36 -17.20
N TYR A 68 -4.00 -22.02 -15.95
CA TYR A 68 -5.27 -22.40 -15.33
C TYR A 68 -6.41 -21.68 -16.03
N LEU A 69 -6.12 -20.54 -16.66
CA LEU A 69 -7.15 -19.82 -17.40
C LEU A 69 -7.22 -20.16 -18.90
N TRP A 70 -6.22 -20.86 -19.44
CA TRP A 70 -6.31 -21.25 -20.84
C TRP A 70 -7.20 -22.44 -20.97
N LYS A 71 -7.09 -23.35 -20.02
CA LYS A 71 -7.87 -24.57 -20.07
C LYS A 71 -9.35 -24.20 -20.05
N LYS A 72 -9.70 -23.17 -19.29
CA LYS A 72 -11.10 -22.87 -19.04
C LYS A 72 -11.64 -22.51 -20.42
N ILE A 73 -10.75 -22.25 -21.38
CA ILE A 73 -11.18 -22.25 -22.77
C ILE A 73 -10.66 -23.51 -23.49
N ALA A 74 -11.50 -24.51 -23.68
CA ALA A 74 -11.09 -25.73 -24.39
C ALA A 74 -11.42 -25.71 -25.87
N ASN A 75 -11.48 -24.54 -26.48
CA ASN A 75 -11.82 -24.40 -27.89
C ASN A 75 -10.97 -23.47 -28.74
N ASN A 76 -10.32 -22.51 -28.09
CA ASN A 76 -9.80 -21.32 -28.76
C ASN A 76 -10.93 -20.39 -29.29
N CYS A 77 -12.03 -20.37 -28.54
CA CYS A 77 -13.25 -19.61 -28.81
C CYS A 77 -13.80 -18.95 -27.53
N ILE A 78 -13.97 -17.62 -27.57
CA ILE A 78 -14.52 -16.87 -26.44
C ILE A 78 -15.91 -16.33 -26.78
N PHE A 79 -16.81 -16.29 -25.80
CA PHE A 79 -18.18 -15.85 -26.07
C PHE A 79 -18.48 -14.48 -25.43
N ILE A 80 -18.88 -13.51 -26.25
CA ILE A 80 -19.18 -12.16 -25.77
C ILE A 80 -20.67 -11.87 -26.02
N VAL A 81 -21.43 -11.57 -24.99
CA VAL A 81 -22.85 -11.28 -25.23
C VAL A 81 -22.89 -9.79 -25.40
N ILE A 82 -23.23 -9.34 -26.59
CA ILE A 82 -23.28 -7.90 -26.85
C ILE A 82 -24.72 -7.44 -26.78
N HIS A 83 -24.98 -6.47 -25.92
CA HIS A 83 -26.33 -5.96 -25.72
C HIS A 83 -26.42 -4.52 -26.17
N ARG A 84 -27.33 -4.25 -27.09
CA ARG A 84 -27.59 -2.88 -27.51
C ARG A 84 -28.70 -2.44 -26.60
N SER A 85 -29.07 -3.33 -25.67
CA SER A 85 -30.11 -3.07 -24.67
C SER A 85 -31.57 -3.51 -24.96
N THR A 86 -31.82 -4.18 -26.08
CA THR A 86 -33.13 -4.79 -26.34
C THR A 86 -33.07 -6.30 -26.66
N THR A 87 -32.28 -6.61 -27.68
CA THR A 87 -31.89 -7.97 -28.05
C THR A 87 -30.38 -7.98 -27.95
N SER A 88 -29.81 -9.00 -27.33
CA SER A 88 -28.36 -9.12 -27.20
C SER A 88 -27.90 -10.35 -27.98
N GLN A 89 -26.89 -10.17 -28.83
CA GLN A 89 -26.43 -11.30 -29.64
C GLN A 89 -25.04 -11.78 -29.21
N THR A 90 -24.93 -13.06 -28.90
CA THR A 90 -23.65 -13.60 -28.46
C THR A 90 -22.73 -13.86 -29.65
N ILE A 91 -21.43 -13.90 -29.38
CA ILE A 91 -20.48 -14.10 -30.45
C ILE A 91 -19.34 -14.96 -29.91
N LYS A 92 -18.89 -15.83 -30.79
CA LYS A 92 -17.83 -16.81 -30.62
C LYS A 92 -16.60 -16.07 -31.11
N VAL A 93 -15.65 -15.88 -30.22
CA VAL A 93 -14.44 -15.11 -30.52
C VAL A 93 -13.07 -15.77 -30.33
N SER A 94 -12.12 -15.45 -31.21
CA SER A 94 -10.76 -15.90 -31.03
C SER A 94 -10.01 -15.05 -30.01
N PRO A 95 -9.20 -15.71 -29.18
CA PRO A 95 -8.47 -15.06 -28.08
C PRO A 95 -7.58 -13.91 -28.55
N ASP A 96 -7.28 -13.85 -29.84
CA ASP A 96 -6.43 -12.82 -30.39
C ASP A 96 -7.12 -11.60 -31.01
N ASP A 97 -8.44 -11.63 -31.03
CA ASP A 97 -9.21 -10.55 -31.64
C ASP A 97 -9.15 -9.23 -30.88
N THR A 98 -8.88 -8.16 -31.61
CA THR A 98 -8.87 -6.87 -31.00
C THR A 98 -10.34 -6.45 -30.89
N PRO A 99 -10.63 -5.45 -30.04
CA PRO A 99 -11.99 -4.92 -29.88
C PRO A 99 -12.56 -4.52 -31.22
N GLY A 100 -11.71 -3.90 -32.02
CA GLY A 100 -12.01 -3.42 -33.35
C GLY A 100 -12.34 -4.56 -34.30
N ALA A 101 -11.72 -5.72 -34.11
CA ALA A 101 -12.02 -6.85 -34.97
C ALA A 101 -13.40 -7.37 -34.64
N ILE A 102 -13.79 -7.35 -33.38
CA ILE A 102 -15.12 -7.76 -33.01
C ILE A 102 -16.20 -6.73 -33.37
N LEU A 103 -15.87 -5.45 -33.19
CA LEU A 103 -16.76 -4.38 -33.62
C LEU A 103 -16.90 -4.41 -35.13
N GLN A 104 -15.90 -4.95 -35.80
CA GLN A 104 -15.93 -5.05 -37.24
C GLN A 104 -16.81 -6.23 -37.65
N SER A 105 -16.58 -7.35 -36.97
CA SER A 105 -17.30 -8.60 -37.26
C SER A 105 -18.65 -8.71 -36.54
N PHE A 106 -19.01 -7.65 -35.82
CA PHE A 106 -20.35 -7.56 -35.24
C PHE A 106 -21.33 -6.93 -36.19
N PHE A 107 -20.86 -6.07 -37.10
CA PHE A 107 -21.79 -5.50 -38.06
C PHE A 107 -21.92 -6.42 -39.26
N THR A 108 -20.88 -7.19 -39.52
CA THR A 108 -20.92 -8.25 -40.49
C THR A 108 -21.93 -9.32 -40.07
N LYS A 109 -21.76 -9.82 -38.85
CA LYS A 109 -22.69 -10.84 -38.36
C LYS A 109 -24.00 -10.20 -37.86
N MET A 110 -24.60 -9.29 -38.62
CA MET A 110 -25.98 -8.85 -38.33
C MET A 110 -26.93 -9.07 -39.54
N ALA A 111 -26.74 -10.18 -40.26
CA ALA A 111 -27.57 -10.57 -41.39
C ALA A 111 -28.25 -11.92 -41.15
N GLU A 125 -20.66 5.87 -37.71
CA GLU A 125 -21.24 4.54 -37.56
C GLU A 125 -20.27 3.48 -37.06
N GLN A 126 -19.02 3.59 -37.50
CA GLN A 126 -17.94 2.67 -37.08
C GLN A 126 -17.19 3.08 -35.81
N ASP A 127 -17.71 4.13 -35.16
CA ASP A 127 -17.12 4.71 -33.96
C ASP A 127 -18.08 4.45 -32.77
N PHE A 128 -18.25 3.18 -32.41
CA PHE A 128 -19.04 2.70 -31.25
C PHE A 128 -18.13 1.86 -30.38
N VAL A 129 -18.32 1.94 -29.07
CA VAL A 129 -17.49 1.13 -28.19
C VAL A 129 -18.19 0.15 -27.25
N LEU A 130 -17.49 -0.91 -26.84
CA LEU A 130 -18.05 -1.90 -25.90
C LEU A 130 -17.94 -1.42 -24.45
N ARG A 131 -18.79 -1.93 -23.58
CA ARG A 131 -18.75 -1.58 -22.16
C ARG A 131 -19.06 -2.83 -21.35
N VAL A 132 -18.52 -2.89 -20.14
CA VAL A 132 -18.82 -4.01 -19.27
C VAL A 132 -20.10 -3.64 -18.58
N CYS A 133 -21.16 -4.38 -18.88
CA CYS A 133 -22.48 -4.05 -18.35
C CYS A 133 -22.37 -3.82 -16.87
N GLY A 134 -22.78 -2.63 -16.45
CA GLY A 134 -22.86 -2.21 -15.05
C GLY A 134 -21.61 -1.52 -14.49
N ARG A 135 -20.55 -1.42 -15.27
CA ARG A 135 -19.32 -0.81 -14.80
C ARG A 135 -18.83 0.20 -15.81
N ASP A 136 -18.01 1.13 -15.36
CA ASP A 136 -17.34 2.08 -16.21
C ASP A 136 -16.00 1.40 -16.54
N GLU A 137 -16.09 0.31 -17.32
CA GLU A 137 -15.00 -0.45 -17.98
C GLU A 137 -15.17 -0.58 -19.47
N TYR A 138 -14.20 -0.09 -20.22
CA TYR A 138 -14.29 -0.28 -21.64
C TYR A 138 -13.29 -1.35 -22.11
N LEU A 139 -13.71 -2.12 -23.12
CA LEU A 139 -12.82 -2.98 -23.87
C LEU A 139 -12.60 -2.23 -25.16
N VAL A 140 -11.41 -1.65 -25.28
CA VAL A 140 -11.05 -0.79 -26.40
C VAL A 140 -9.54 -0.65 -26.55
N GLY A 141 -9.10 -0.25 -27.75
CA GLY A 141 -7.69 -0.09 -28.04
C GLY A 141 -7.07 -1.29 -28.69
N GLU A 142 -5.82 -1.23 -29.16
CA GLU A 142 -5.32 -2.47 -29.74
C GLU A 142 -4.58 -3.30 -28.72
N THR A 143 -5.35 -4.29 -28.26
CA THR A 143 -4.89 -5.31 -27.35
C THR A 143 -5.82 -6.43 -27.70
N PRO A 144 -5.33 -7.67 -27.64
CA PRO A 144 -6.12 -8.89 -27.73
C PRO A 144 -7.05 -8.99 -26.55
N ILE A 145 -8.31 -9.31 -26.77
CA ILE A 145 -9.28 -9.41 -25.70
C ILE A 145 -8.75 -10.26 -24.54
N LYS A 146 -7.94 -11.28 -24.84
CA LYS A 146 -7.46 -12.10 -23.79
C LYS A 146 -6.56 -11.27 -22.84
N ASN A 147 -6.09 -10.12 -23.30
CA ASN A 147 -5.20 -9.30 -22.48
C ASN A 147 -5.97 -8.25 -21.66
N PHE A 148 -7.30 -8.31 -21.69
CA PHE A 148 -8.13 -7.42 -20.86
C PHE A 148 -8.48 -8.00 -19.50
N GLN A 149 -8.24 -7.23 -18.44
CA GLN A 149 -8.45 -7.69 -17.07
C GLN A 149 -9.83 -8.17 -16.78
N TRP A 150 -10.83 -7.43 -17.21
CA TRP A 150 -12.20 -7.76 -16.87
C TRP A 150 -12.51 -9.14 -17.41
N VAL A 151 -11.99 -9.41 -18.60
CA VAL A 151 -12.15 -10.72 -19.21
C VAL A 151 -11.50 -11.86 -18.42
N ARG A 152 -10.22 -11.70 -18.05
CA ARG A 152 -9.53 -12.72 -17.24
C ARG A 152 -10.25 -12.93 -15.91
N HIS A 153 -10.88 -11.87 -15.43
CA HIS A 153 -11.63 -11.92 -14.18
C HIS A 153 -12.83 -12.87 -14.35
N CYS A 154 -13.53 -12.80 -15.47
CA CYS A 154 -14.68 -13.70 -15.73
C CYS A 154 -14.24 -15.18 -15.81
N LEU A 155 -13.27 -15.48 -16.67
CA LEU A 155 -12.74 -16.84 -16.83
C LEU A 155 -12.30 -17.50 -15.53
N LYS A 156 -11.75 -16.71 -14.64
CA LYS A 156 -11.22 -17.23 -13.39
C LYS A 156 -12.42 -17.66 -12.55
N ASN A 157 -13.47 -16.85 -12.60
CA ASN A 157 -14.66 -17.09 -11.79
C ASN A 157 -15.81 -17.87 -12.49
N GLY A 158 -15.55 -18.30 -13.70
CA GLY A 158 -16.50 -19.04 -14.51
C GLY A 158 -17.62 -18.11 -14.87
N GLU A 159 -17.32 -16.92 -15.38
CA GLU A 159 -18.34 -15.89 -15.53
C GLU A 159 -18.50 -15.39 -16.96
N GLU A 160 -19.75 -15.14 -17.37
CA GLU A 160 -19.99 -14.68 -18.73
C GLU A 160 -19.65 -13.24 -19.04
N ILE A 161 -19.10 -13.00 -20.23
CA ILE A 161 -18.68 -11.65 -20.58
C ILE A 161 -19.76 -10.89 -21.29
N HIS A 162 -20.35 -9.92 -20.61
CA HIS A 162 -21.45 -9.11 -21.12
C HIS A 162 -20.97 -7.69 -21.37
N VAL A 163 -21.32 -7.19 -22.55
CA VAL A 163 -20.89 -5.88 -22.96
C VAL A 163 -22.04 -5.28 -23.65
N VAL A 164 -22.32 -4.06 -23.26
CA VAL A 164 -23.34 -3.27 -23.92
C VAL A 164 -22.59 -2.37 -24.86
N LEU A 165 -23.19 -2.12 -26.01
CA LEU A 165 -22.58 -1.26 -27.01
C LEU A 165 -23.00 0.20 -26.94
N ASP A 166 -22.06 1.09 -26.60
CA ASP A 166 -22.43 2.51 -26.55
C ASP A 166 -21.32 3.38 -27.11
N THR A 167 -21.55 4.68 -27.02
CA THR A 167 -20.75 5.75 -27.60
C THR A 167 -19.54 6.10 -26.76
N PRO A 168 -18.37 6.29 -27.38
CA PRO A 168 -17.23 6.79 -26.59
C PRO A 168 -17.49 8.10 -25.81
N PRO A 169 -16.96 8.19 -24.57
CA PRO A 169 -17.14 9.34 -23.67
C PRO A 169 -16.40 10.57 -24.16
N ASP A 170 -16.99 11.75 -24.01
CA ASP A 170 -16.40 12.95 -24.58
C ASP A 170 -15.16 13.42 -23.76
N PRO A 171 -13.97 13.40 -24.38
CA PRO A 171 -12.72 13.88 -23.80
C PRO A 171 -12.75 15.33 -23.38
N ALA A 172 -13.73 16.07 -23.88
CA ALA A 172 -13.90 17.47 -23.48
C ALA A 172 -14.16 17.55 -21.99
N LEU A 173 -14.81 16.50 -21.48
CA LEU A 173 -15.16 16.37 -20.06
C LEU A 173 -13.91 16.20 -19.21
N ASP A 174 -12.82 15.76 -19.84
CA ASP A 174 -11.58 15.53 -19.14
C ASP A 174 -10.79 16.85 -19.16
N GLU A 175 -11.39 17.90 -19.69
CA GLU A 175 -10.66 19.16 -19.82
C GLU A 175 -9.99 19.66 -18.52
N VAL A 176 -8.77 20.19 -18.68
CA VAL A 176 -8.00 20.76 -17.57
C VAL A 176 -7.93 22.26 -17.66
N ARG A 177 -8.20 23.01 -16.59
CA ARG A 177 -8.11 24.48 -16.68
C ARG A 177 -6.68 24.97 -16.90
N LYS A 178 -6.49 26.04 -17.67
CA LYS A 178 -5.11 26.51 -17.90
C LYS A 178 -4.46 26.92 -16.58
N GLU A 179 -3.14 27.05 -16.61
CA GLU A 179 -2.34 27.15 -15.39
C GLU A 179 -1.51 28.42 -15.24
N GLU A 180 -0.95 28.61 -14.05
CA GLU A 180 -0.06 29.73 -13.75
C GLU A 180 0.78 29.44 -12.49
N CYS A 215 34.09 25.42 1.74
CA CYS A 215 34.84 25.69 2.96
C CYS A 215 35.48 24.42 3.51
N ASP A 216 36.66 24.56 4.11
CA ASP A 216 37.41 23.42 4.67
C ASP A 216 37.26 23.24 6.20
N ARG A 217 36.50 24.16 6.75
CA ARG A 217 36.02 24.21 8.15
C ARG A 217 35.19 22.98 8.55
N LYS A 218 35.39 22.54 9.78
CA LYS A 218 34.60 21.51 10.38
C LYS A 218 33.17 22.02 10.72
N PHE A 219 32.13 21.25 10.36
CA PHE A 219 30.75 21.67 10.62
C PHE A 219 30.46 21.93 12.07
N ARG A 220 29.62 22.92 12.34
CA ARG A 220 29.16 23.20 13.70
C ARG A 220 27.83 23.89 13.85
N VAL A 221 27.20 23.61 14.98
CA VAL A 221 25.90 24.13 15.23
C VAL A 221 25.81 24.59 16.67
N LYS A 222 25.30 25.81 16.84
CA LYS A 222 25.11 26.32 18.17
C LYS A 222 23.71 25.92 18.60
N ILE A 223 23.65 25.25 19.74
CA ILE A 223 22.40 24.92 20.39
C ILE A 223 22.12 26.02 21.39
N ARG A 224 21.12 26.84 21.12
CA ARG A 224 20.81 27.92 22.04
C ARG A 224 20.08 27.41 23.29
N GLY A 225 19.07 26.59 23.08
CA GLY A 225 18.31 26.00 24.17
C GLY A 225 16.97 25.46 23.73
N ILE A 226 16.17 25.05 24.70
CA ILE A 226 14.85 24.44 24.45
C ILE A 226 13.74 24.96 25.34
N ASP A 227 12.82 25.68 24.75
CA ASP A 227 11.64 26.18 25.45
C ASP A 227 10.50 25.19 25.23
N ILE A 228 9.78 24.90 26.31
CA ILE A 228 8.51 24.20 26.28
C ILE A 228 7.41 24.67 27.24
N PRO A 229 6.19 24.96 26.74
CA PRO A 229 5.10 25.50 27.59
C PRO A 229 4.83 24.78 28.95
N VAL A 230 4.88 23.47 29.01
CA VAL A 230 4.57 22.78 30.27
C VAL A 230 5.35 21.50 30.22
N LEU A 231 5.67 20.96 31.37
CA LEU A 231 6.37 19.68 31.40
C LEU A 231 5.75 18.50 32.15
N PRO A 232 4.60 18.72 32.81
CA PRO A 232 4.02 17.57 33.52
C PRO A 232 4.40 16.13 33.17
N ARG A 233 5.02 15.50 34.17
CA ARG A 233 5.34 14.09 34.20
C ARG A 233 5.47 14.07 35.68
N ASN A 234 6.20 13.11 36.20
CA ASN A 234 6.22 12.82 37.62
C ASN A 234 7.56 13.21 38.24
N THR A 235 8.60 12.51 37.84
CA THR A 235 9.94 12.72 38.37
C THR A 235 10.84 13.72 37.62
N ASP A 236 11.10 14.84 38.27
CA ASP A 236 11.92 15.92 37.74
C ASP A 236 13.29 15.30 37.44
N LEU A 237 13.77 15.48 36.21
CA LEU A 237 15.05 14.89 35.82
C LEU A 237 15.86 15.88 35.02
N THR A 238 16.99 15.38 34.56
CA THR A 238 17.96 16.13 33.82
C THR A 238 17.74 15.93 32.33
N VAL A 239 17.96 16.99 31.56
CA VAL A 239 17.68 17.00 30.13
C VAL A 239 18.79 17.61 29.25
N PHE A 240 19.29 16.76 28.36
CA PHE A 240 20.23 17.12 27.31
C PHE A 240 19.76 16.79 25.87
N VAL A 241 20.46 17.42 24.95
CA VAL A 241 20.22 17.46 23.55
C VAL A 241 21.34 16.72 22.83
N GLU A 242 20.93 15.80 21.92
CA GLU A 242 21.83 14.96 21.12
C GLU A 242 21.75 15.37 19.65
N ALA A 243 22.82 15.94 19.12
CA ALA A 243 22.88 16.34 17.73
C ALA A 243 23.58 15.31 16.82
N ASN A 244 22.87 14.77 15.82
CA ASN A 244 23.44 13.83 14.85
C ASN A 244 23.46 14.37 13.45
N ILE A 245 24.53 14.04 12.73
CA ILE A 245 24.56 14.24 11.29
C ILE A 245 24.19 12.92 10.64
N GLN A 246 23.05 12.89 9.95
CA GLN A 246 22.51 11.65 9.35
C GLN A 246 22.41 11.65 7.86
N HIS A 247 22.80 10.51 7.27
CA HIS A 247 22.55 10.26 5.85
C HIS A 247 22.02 8.82 5.74
N GLY A 248 20.76 8.61 5.31
CA GLY A 248 20.22 7.25 5.17
C GLY A 248 20.18 6.35 6.39
N GLN A 249 19.77 6.89 7.52
CA GLN A 249 19.75 6.18 8.78
C GLN A 249 21.14 5.84 9.27
N GLN A 250 22.14 6.11 8.44
CA GLN A 250 23.52 6.12 8.93
C GLN A 250 23.82 7.41 9.71
N VAL A 251 24.31 7.32 10.94
CA VAL A 251 24.76 8.52 11.64
C VAL A 251 26.23 8.73 11.37
N LEU A 252 26.58 9.86 10.76
CA LEU A 252 27.98 10.18 10.43
C LEU A 252 28.76 10.71 11.62
N CYS A 253 28.17 11.64 12.34
CA CYS A 253 28.81 12.21 13.51
C CYS A 253 27.71 12.49 14.52
N GLN A 254 28.13 12.56 15.78
CA GLN A 254 27.28 12.80 16.94
C GLN A 254 27.92 13.64 18.03
N ARG A 255 27.16 14.54 18.62
CA ARG A 255 27.65 15.34 19.72
C ARG A 255 26.52 15.46 20.73
N ARG A 256 26.79 16.06 21.88
CA ARG A 256 25.73 16.27 22.84
C ARG A 256 25.97 17.54 23.61
N THR A 257 25.04 17.85 24.51
CA THR A 257 25.21 19.02 25.31
C THR A 257 25.38 18.50 26.72
N SER A 258 25.67 19.43 27.64
CA SER A 258 25.82 19.13 29.10
C SER A 258 24.41 19.03 29.66
N PRO A 259 24.15 17.97 30.43
CA PRO A 259 22.73 17.85 30.79
C PRO A 259 22.46 19.07 31.84
N LYS A 260 21.21 19.45 32.05
CA LYS A 260 20.85 20.46 33.05
C LYS A 260 19.49 20.09 33.66
N PRO A 261 19.05 20.88 34.64
CA PRO A 261 17.74 20.64 35.24
C PRO A 261 16.67 20.90 34.24
N PHE A 262 15.68 20.03 34.25
CA PHE A 262 14.59 20.15 33.32
C PHE A 262 13.59 21.22 33.72
N THR A 263 13.49 22.25 32.89
CA THR A 263 12.56 23.34 33.12
C THR A 263 11.97 23.83 31.82
N GLU A 264 10.95 24.67 31.95
CA GLU A 264 10.21 25.15 30.81
C GLU A 264 11.13 25.84 29.83
N GLU A 265 12.27 26.31 30.30
CA GLU A 265 13.22 26.87 29.35
C GLU A 265 14.59 26.49 29.81
N VAL A 266 15.43 26.05 28.90
CA VAL A 266 16.78 25.68 29.24
C VAL A 266 17.70 26.29 28.21
N LEU A 267 18.66 27.08 28.69
CA LEU A 267 19.54 27.78 27.77
C LEU A 267 20.91 27.14 27.97
N TRP A 268 21.64 27.04 26.87
CA TRP A 268 22.96 26.40 26.81
C TRP A 268 23.89 27.40 26.18
N ASN A 269 23.47 27.97 25.05
CA ASN A 269 24.33 28.89 24.31
C ASN A 269 25.65 28.21 23.94
N VAL A 270 25.59 26.93 23.56
CA VAL A 270 26.77 26.18 23.25
C VAL A 270 26.98 25.85 21.79
N TRP A 271 28.22 26.05 21.34
CA TRP A 271 28.60 25.58 20.03
C TRP A 271 28.96 24.15 20.06
N LEU A 272 28.25 23.36 19.26
CA LEU A 272 28.62 21.96 19.01
C LEU A 272 29.44 21.84 17.70
N GLU A 273 30.72 21.55 17.82
CA GLU A 273 31.59 21.38 16.67
C GLU A 273 31.65 19.93 16.21
N PHE A 274 31.29 19.60 14.98
CA PHE A 274 31.39 18.21 14.60
C PHE A 274 32.77 18.00 13.99
N SER A 275 33.09 16.75 13.67
CA SER A 275 34.33 16.31 13.04
C SER A 275 34.20 16.56 11.55
N ILE A 276 33.04 16.23 11.00
CA ILE A 276 32.91 16.30 9.57
C ILE A 276 33.10 17.76 9.13
N LYS A 277 33.83 17.91 8.04
CA LYS A 277 34.15 19.16 7.39
C LYS A 277 32.95 19.56 6.52
N ILE A 278 32.67 20.85 6.41
CA ILE A 278 31.57 21.36 5.60
C ILE A 278 31.44 20.83 4.18
N LYS A 279 32.57 20.67 3.50
CA LYS A 279 32.57 20.22 2.11
C LYS A 279 32.20 18.75 2.03
N ASP A 280 32.38 18.04 3.15
CA ASP A 280 32.15 16.62 3.21
C ASP A 280 30.65 16.30 3.48
N LEU A 281 29.86 17.34 3.75
CA LEU A 281 28.43 17.12 3.95
C LEU A 281 27.81 16.63 2.63
N PRO A 282 27.15 15.46 2.65
CA PRO A 282 26.44 14.95 1.47
C PRO A 282 25.09 15.60 1.31
N LYS A 283 24.60 15.67 0.09
CA LYS A 283 23.28 16.22 -0.16
C LYS A 283 22.26 15.29 0.49
N GLY A 284 21.21 15.89 1.03
CA GLY A 284 20.22 15.11 1.71
C GLY A 284 20.62 14.66 3.11
N ALA A 285 21.59 15.35 3.69
CA ALA A 285 22.02 15.07 5.05
C ALA A 285 21.14 15.80 6.04
N LEU A 286 20.72 15.07 7.08
CA LEU A 286 19.85 15.58 8.15
C LEU A 286 20.56 16.04 9.45
N LEU A 287 20.17 17.17 10.01
CA LEU A 287 20.62 17.41 11.36
C LEU A 287 19.58 16.84 12.32
N ASN A 288 19.88 15.74 13.00
CA ASN A 288 18.86 15.13 13.82
C ASN A 288 19.07 15.55 15.27
N LEU A 289 18.05 16.21 15.81
CA LEU A 289 18.10 16.76 17.17
C LEU A 289 17.16 16.02 18.09
N GLN A 290 17.69 15.40 19.13
CA GLN A 290 16.84 14.59 20.01
C GLN A 290 17.03 14.93 21.49
N ILE A 291 15.93 14.90 22.23
CA ILE A 291 16.05 15.20 23.64
C ILE A 291 15.78 13.97 24.46
N TYR A 292 16.75 13.70 25.36
CA TYR A 292 16.69 12.52 26.20
C TYR A 292 16.70 12.87 27.67
N CYS A 293 16.35 11.89 28.51
CA CYS A 293 16.33 12.09 29.95
C CYS A 293 16.37 10.76 30.69
N LEU A 318 14.74 8.96 25.41
CA LEU A 318 14.39 9.81 24.27
C LEU A 318 12.93 10.32 24.25
N LEU A 319 12.78 11.62 24.49
CA LEU A 319 11.48 12.30 24.59
C LEU A 319 10.97 12.93 23.25
N TYR A 320 11.72 13.88 22.71
CA TYR A 320 11.35 14.61 21.49
C TYR A 320 12.43 14.50 20.42
N TYR A 321 12.04 14.67 19.16
CA TYR A 321 13.01 14.74 18.07
C TYR A 321 12.58 15.75 17.03
N VAL A 322 13.54 16.30 16.31
CA VAL A 322 13.24 17.15 15.16
C VAL A 322 14.39 17.07 14.14
N ASN A 323 14.08 17.29 12.86
CA ASN A 323 15.07 17.23 11.77
C ASN A 323 15.20 18.53 10.94
N LEU A 324 16.40 18.83 10.47
CA LEU A 324 16.65 19.96 9.59
C LEU A 324 17.62 19.53 8.52
N LEU A 325 17.22 19.60 7.27
CA LEU A 325 18.11 19.33 6.14
C LEU A 325 19.30 20.32 6.11
N LEU A 326 20.51 19.78 6.07
CA LEU A 326 21.72 20.59 6.16
C LEU A 326 22.06 21.25 4.82
N ILE A 327 21.73 20.58 3.73
CA ILE A 327 21.85 21.12 2.37
C ILE A 327 20.48 21.28 1.77
N ASP A 328 20.12 22.51 1.37
CA ASP A 328 18.73 22.73 0.95
C ASP A 328 18.39 22.30 -0.49
N HIS A 329 17.19 22.65 -0.92
CA HIS A 329 16.69 22.18 -2.19
C HIS A 329 17.40 22.92 -3.33
N ARG A 330 18.14 23.98 -2.99
CA ARG A 330 18.98 24.67 -3.98
C ARG A 330 20.46 24.25 -3.95
N PHE A 331 20.76 23.23 -3.16
CA PHE A 331 22.13 22.80 -2.89
C PHE A 331 22.85 23.87 -2.07
N LEU A 332 22.09 24.72 -1.39
CA LEU A 332 22.75 25.72 -0.59
C LEU A 332 22.83 25.16 0.82
N LEU A 333 23.93 25.36 1.51
CA LEU A 333 24.08 25.00 2.91
C LEU A 333 23.18 25.96 3.72
N ARG A 334 22.56 25.44 4.77
CA ARG A 334 21.59 26.14 5.62
C ARG A 334 22.29 27.10 6.56
N ARG A 335 21.70 28.29 6.72
CA ARG A 335 22.27 29.29 7.62
C ARG A 335 21.17 30.13 8.25
N GLY A 336 21.51 30.82 9.33
CA GLY A 336 20.58 31.67 10.05
C GLY A 336 20.06 31.05 11.35
N GLU A 337 19.04 31.68 11.92
CA GLU A 337 18.44 31.23 13.18
C GLU A 337 17.27 30.26 12.92
N TYR A 338 17.15 29.24 13.76
CA TYR A 338 16.04 28.31 13.63
C TYR A 338 15.37 27.96 14.96
N VAL A 339 14.05 28.15 15.04
CA VAL A 339 13.25 27.62 16.15
C VAL A 339 12.35 26.46 15.68
N LEU A 340 12.66 25.22 16.08
CA LEU A 340 12.02 24.00 15.56
C LEU A 340 11.08 23.36 16.57
N HIS A 341 9.81 23.19 16.18
CA HIS A 341 8.82 22.52 17.03
C HIS A 341 8.81 20.98 16.85
N MET A 342 9.05 20.25 17.94
CA MET A 342 9.38 18.85 17.83
C MET A 342 8.24 17.87 18.02
N TRP A 343 8.57 16.60 17.81
CA TRP A 343 7.58 15.58 17.85
C TRP A 343 7.85 14.91 19.15
N GLN A 344 6.82 14.38 19.75
CA GLN A 344 7.00 13.77 21.02
C GLN A 344 7.10 12.30 20.73
N ILE A 345 6.92 11.49 21.74
CA ILE A 345 7.01 10.05 21.66
C ILE A 345 6.08 9.34 22.63
N SER A 346 5.68 8.12 22.28
CA SER A 346 4.80 7.37 23.17
C SER A 346 5.65 6.19 23.68
N GLY A 347 5.63 6.04 25.01
CA GLY A 347 6.37 4.99 25.72
C GLY A 347 5.84 3.58 25.55
N PHE A 355 14.26 2.93 12.83
CA PHE A 355 13.19 2.50 13.74
C PHE A 355 11.96 2.67 12.86
N ASN A 356 11.38 3.87 12.87
CA ASN A 356 10.10 4.15 12.22
C ASN A 356 10.19 5.35 11.27
N ALA A 357 9.51 5.28 10.13
CA ALA A 357 9.69 6.28 9.05
C ALA A 357 9.34 7.68 9.40
N ASP A 358 8.58 7.87 10.47
CA ASP A 358 8.26 9.24 10.89
C ASP A 358 9.44 10.01 11.49
N LYS A 359 10.42 9.27 12.02
CA LYS A 359 11.55 9.92 12.63
C LYS A 359 12.44 10.57 11.59
N LEU A 360 12.13 10.33 10.32
CA LEU A 360 12.97 10.90 9.27
C LEU A 360 12.54 12.28 8.79
N THR A 361 11.34 12.72 9.16
CA THR A 361 10.69 13.87 8.55
C THR A 361 11.34 15.25 8.68
N SER A 362 11.50 15.93 7.55
CA SER A 362 12.01 17.32 7.48
C SER A 362 10.96 18.30 7.96
N ALA A 363 9.78 17.78 8.25
CA ALA A 363 8.66 18.53 8.80
C ALA A 363 8.77 18.97 10.29
N THR A 364 8.14 20.08 10.63
CA THR A 364 8.03 20.50 12.01
C THR A 364 6.61 20.37 12.56
N ASN A 365 6.51 20.14 13.86
CA ASN A 365 5.23 19.98 14.54
C ASN A 365 4.41 21.25 14.32
N PRO A 366 3.18 21.09 13.77
CA PRO A 366 2.33 22.25 13.54
C PRO A 366 1.79 22.86 14.82
N ASP A 367 1.83 22.11 15.92
CA ASP A 367 1.23 22.59 17.14
C ASP A 367 2.32 23.36 17.89
N LYS A 368 2.22 24.68 17.79
CA LYS A 368 3.24 25.60 18.27
C LYS A 368 2.93 25.93 19.74
N GLU A 369 1.65 25.77 20.10
CA GLU A 369 1.17 25.93 21.48
C GLU A 369 1.58 24.90 22.55
N ASN A 370 1.55 23.61 22.19
CA ASN A 370 1.76 22.52 23.13
C ASN A 370 3.07 21.74 22.95
N SER A 371 3.94 22.20 22.06
CA SER A 371 5.09 21.39 21.66
C SER A 371 6.48 21.95 21.97
N MET A 372 7.35 21.10 22.52
CA MET A 372 8.74 21.44 22.73
C MET A 372 9.35 22.10 21.52
N SER A 373 10.13 23.14 21.77
CA SER A 373 10.78 23.79 20.68
C SER A 373 12.25 23.87 20.94
N ILE A 374 13.05 23.98 19.88
CA ILE A 374 14.47 24.14 20.08
C ILE A 374 15.00 25.36 19.29
N SER A 375 15.91 26.10 19.91
CA SER A 375 16.45 27.31 19.28
C SER A 375 17.90 27.03 19.05
N ILE A 376 18.32 27.15 17.80
CA ILE A 376 19.65 26.83 17.33
C ILE A 376 20.25 27.92 16.40
N LEU A 377 21.56 27.87 16.14
CA LEU A 377 22.18 28.78 15.15
C LEU A 377 23.14 28.14 14.16
N LEU A 378 23.00 28.48 12.89
CA LEU A 378 23.90 28.01 11.80
C LEU A 378 24.66 29.10 11.07
N ASP A 379 25.99 29.13 11.22
CA ASP A 379 26.79 30.02 10.40
C ASP A 379 28.01 29.48 9.64
N ASN A 380 27.98 29.45 8.31
CA ASN A 380 29.08 28.92 7.50
C ASN A 380 28.75 29.39 6.05
N TYR A 381 29.47 28.86 5.04
CA TYR A 381 29.78 29.42 3.70
C TYR A 381 29.16 28.73 2.45
N CYS A 382 27.99 29.20 2.03
CA CYS A 382 27.55 29.09 0.65
C CYS A 382 27.52 27.72 -0.03
N HIS A 383 28.10 27.65 -1.22
CA HIS A 383 27.81 26.55 -2.10
C HIS A 383 28.83 25.43 -2.10
N PRO A 384 28.34 24.25 -1.73
CA PRO A 384 29.04 23.00 -2.01
C PRO A 384 28.16 22.28 -3.02
N ILE A 385 28.72 21.97 -4.18
CA ILE A 385 27.92 21.38 -5.28
C ILE A 385 28.35 19.97 -5.74
N ALA A 386 27.85 19.57 -6.93
CA ALA A 386 28.08 18.27 -7.56
C ALA A 386 28.58 18.44 -9.01
N LEU A 387 29.54 17.59 -9.40
CA LEU A 387 30.25 17.71 -10.68
C LEU A 387 30.16 16.40 -11.46
N PRO A 388 30.71 16.39 -12.71
CA PRO A 388 30.79 15.18 -13.54
C PRO A 388 32.09 14.39 -13.35
N ARG A 402 40.47 -2.84 -14.13
CA ARG A 402 41.74 -3.20 -14.74
C ARG A 402 42.41 -4.37 -14.01
N ALA A 403 41.85 -4.74 -12.86
CA ALA A 403 42.40 -5.82 -12.04
C ALA A 403 41.32 -6.85 -11.88
N GLU A 404 41.62 -8.12 -12.10
CA GLU A 404 40.49 -9.01 -12.05
C GLU A 404 40.76 -9.66 -10.69
N MET A 405 39.71 -10.01 -9.95
CA MET A 405 39.86 -10.56 -8.60
C MET A 405 40.37 -11.98 -8.59
N PRO A 406 41.26 -12.31 -7.61
CA PRO A 406 41.50 -13.74 -7.51
C PRO A 406 40.15 -14.33 -7.24
N ASN A 407 40.02 -15.62 -7.53
CA ASN A 407 38.78 -16.35 -7.47
C ASN A 407 38.26 -16.29 -6.02
N GLN A 408 39.12 -16.58 -5.03
CA GLN A 408 38.66 -16.73 -3.66
C GLN A 408 38.13 -15.46 -3.11
N LEU A 409 38.58 -14.32 -3.60
CA LEU A 409 37.98 -13.13 -3.06
C LEU A 409 36.68 -12.92 -3.75
N ARG A 410 36.69 -13.11 -5.07
CA ARG A 410 35.50 -13.01 -5.92
C ARG A 410 34.49 -14.03 -5.26
N LYS A 411 34.97 -15.13 -4.66
CA LYS A 411 34.03 -16.09 -4.06
C LYS A 411 33.46 -15.49 -2.76
N GLN A 412 34.28 -14.81 -1.97
CA GLN A 412 33.78 -14.10 -0.80
C GLN A 412 32.76 -13.02 -1.17
N LEU A 413 33.09 -12.23 -2.19
CA LEU A 413 32.23 -11.16 -2.66
C LEU A 413 30.91 -11.76 -3.05
N GLU A 414 30.97 -12.82 -3.86
CA GLU A 414 29.75 -13.46 -4.33
C GLU A 414 28.90 -14.06 -3.24
N ALA A 415 29.52 -14.51 -2.17
CA ALA A 415 28.77 -15.03 -1.05
C ALA A 415 27.98 -13.90 -0.39
N ILE A 416 28.64 -12.76 -0.29
CA ILE A 416 28.07 -11.51 0.22
C ILE A 416 26.83 -11.04 -0.54
N ILE A 417 26.95 -10.91 -1.85
CA ILE A 417 25.85 -10.43 -2.65
C ILE A 417 24.61 -11.31 -2.56
N ALA A 418 24.83 -12.61 -2.39
CA ALA A 418 23.75 -13.61 -2.32
C ALA A 418 22.85 -13.56 -1.09
N THR A 419 23.34 -13.03 0.02
CA THR A 419 22.61 -13.04 1.27
C THR A 419 21.34 -12.24 1.11
N ASP A 420 20.41 -12.41 2.03
CA ASP A 420 19.12 -11.76 1.94
C ASP A 420 19.29 -10.29 2.27
N PRO A 421 18.29 -9.48 1.88
CA PRO A 421 18.25 -8.03 2.06
C PRO A 421 18.56 -7.67 3.50
N LEU A 422 18.04 -8.39 4.50
CA LEU A 422 18.23 -8.06 5.95
C LEU A 422 19.64 -8.34 6.54
N ASN A 423 20.39 -9.19 5.87
CA ASN A 423 21.72 -9.55 6.32
C ASN A 423 22.75 -8.39 6.38
N PRO A 424 23.28 -8.12 7.59
CA PRO A 424 24.15 -6.98 7.90
C PRO A 424 25.53 -7.10 7.24
N LEU A 425 26.15 -5.96 6.89
CA LEU A 425 27.48 -5.91 6.26
C LEU A 425 28.60 -5.62 7.26
N THR A 426 29.64 -6.44 7.31
CA THR A 426 30.75 -6.07 8.20
C THR A 426 31.59 -4.92 7.63
N ALA A 427 32.57 -4.47 8.40
CA ALA A 427 33.54 -3.48 7.96
C ALA A 427 34.31 -4.18 6.86
N GLU A 428 34.62 -5.44 7.13
CA GLU A 428 35.38 -6.20 6.19
C GLU A 428 34.52 -6.40 4.96
N ASP A 429 33.23 -6.71 5.11
CA ASP A 429 32.30 -6.83 3.96
C ASP A 429 32.25 -5.62 3.02
N LYS A 430 32.11 -4.46 3.64
CA LYS A 430 32.01 -3.19 2.95
C LYS A 430 33.30 -2.87 2.19
N GLU A 431 34.46 -3.09 2.80
CA GLU A 431 35.72 -2.73 2.16
C GLU A 431 35.94 -3.58 0.90
N LEU A 432 35.48 -4.82 0.95
CA LEU A 432 35.58 -5.75 -0.18
C LEU A 432 34.68 -5.21 -1.27
N LEU A 433 33.41 -5.00 -0.90
CA LEU A 433 32.40 -4.48 -1.80
C LEU A 433 32.94 -3.22 -2.48
N TRP A 434 33.49 -2.31 -1.68
CA TRP A 434 34.01 -1.03 -2.22
C TRP A 434 35.26 -1.08 -3.09
N HIS A 435 36.31 -1.69 -2.57
CA HIS A 435 37.60 -1.78 -3.25
C HIS A 435 37.38 -2.33 -4.63
N PHE A 436 36.43 -3.24 -4.68
CA PHE A 436 36.01 -3.97 -5.86
C PHE A 436 34.82 -3.37 -6.62
N ARG A 437 34.52 -2.10 -6.35
CA ARG A 437 33.30 -1.49 -6.89
C ARG A 437 32.97 -1.82 -8.34
N TYR A 438 33.99 -1.89 -9.21
CA TYR A 438 33.86 -2.18 -10.63
C TYR A 438 33.42 -3.58 -10.96
N GLU A 439 33.78 -4.50 -10.09
CA GLU A 439 33.28 -5.86 -10.16
C GLU A 439 31.85 -5.94 -9.68
N SER A 440 31.61 -5.33 -8.54
CA SER A 440 30.30 -5.25 -7.93
C SER A 440 29.24 -4.71 -8.88
N LEU A 441 29.67 -3.85 -9.81
CA LEU A 441 28.73 -3.21 -10.73
C LEU A 441 28.15 -4.14 -11.77
N LYS A 442 28.77 -5.30 -11.93
CA LYS A 442 28.32 -6.26 -12.91
C LYS A 442 27.26 -7.16 -12.28
N HIS A 443 26.89 -6.88 -11.02
CA HIS A 443 25.90 -7.70 -10.34
C HIS A 443 24.81 -6.80 -9.79
N PRO A 444 23.73 -6.57 -10.55
CA PRO A 444 22.67 -5.67 -10.07
C PRO A 444 22.12 -6.00 -8.68
N LYS A 445 22.04 -7.27 -8.32
CA LYS A 445 21.56 -7.65 -6.98
C LYS A 445 22.49 -7.22 -5.85
N ALA A 446 23.67 -6.72 -6.21
CA ALA A 446 24.64 -6.23 -5.24
C ALA A 446 24.55 -4.73 -4.96
N TYR A 447 23.80 -4.01 -5.75
CA TYR A 447 23.79 -2.56 -5.66
C TYR A 447 23.43 -2.06 -4.24
N PRO A 448 22.36 -2.57 -3.61
CA PRO A 448 22.00 -2.09 -2.27
C PRO A 448 23.11 -2.33 -1.25
N LYS A 449 23.82 -3.44 -1.38
CA LYS A 449 24.88 -3.71 -0.42
C LYS A 449 26.05 -2.80 -0.78
N LEU A 450 26.38 -2.73 -2.07
CA LEU A 450 27.49 -1.90 -2.52
C LEU A 450 27.32 -0.44 -2.10
N PHE A 451 26.09 0.06 -2.19
CA PHE A 451 25.83 1.46 -1.95
C PHE A 451 25.75 1.73 -0.46
N SER A 452 25.53 0.65 0.28
CA SER A 452 25.64 0.69 1.74
C SER A 452 27.07 0.60 2.22
N SER A 453 27.98 0.34 1.28
CA SER A 453 29.40 0.27 1.57
C SER A 453 30.07 1.63 1.32
N VAL A 454 29.27 2.65 1.01
CA VAL A 454 29.80 3.95 0.70
C VAL A 454 29.96 4.82 1.90
N LYS A 455 31.06 5.58 1.94
CA LYS A 455 31.24 6.61 2.94
C LYS A 455 30.65 7.85 2.32
N TRP A 456 29.47 8.22 2.80
CA TRP A 456 28.74 9.32 2.23
C TRP A 456 29.22 10.59 2.89
N GLY A 457 29.95 10.43 3.97
CA GLY A 457 30.52 11.56 4.68
C GLY A 457 31.80 12.11 4.07
N GLN A 458 32.25 11.49 2.98
CA GLN A 458 33.46 11.88 2.26
C GLN A 458 33.21 12.30 0.83
N GLN A 459 33.48 13.57 0.52
CA GLN A 459 33.13 14.08 -0.80
C GLN A 459 33.98 13.32 -1.82
N GLU A 460 35.25 13.02 -1.53
CA GLU A 460 36.07 12.26 -2.47
C GLU A 460 35.43 10.92 -2.81
N ILE A 461 34.86 10.24 -1.81
CA ILE A 461 34.27 8.92 -2.07
C ILE A 461 32.94 8.98 -2.81
N VAL A 462 32.08 9.92 -2.42
CA VAL A 462 30.82 10.14 -3.08
C VAL A 462 31.05 10.45 -4.56
N ALA A 463 31.96 11.35 -4.84
CA ALA A 463 32.36 11.65 -6.20
C ALA A 463 32.71 10.41 -7.03
N LYS A 464 33.53 9.52 -6.47
CA LYS A 464 33.86 8.24 -7.09
C LYS A 464 32.59 7.43 -7.36
N THR A 465 31.65 7.53 -6.43
CA THR A 465 30.43 6.76 -6.48
C THR A 465 29.66 7.21 -7.70
N TYR A 466 29.68 8.51 -7.93
CA TYR A 466 29.05 9.07 -9.10
C TYR A 466 29.78 8.70 -10.38
N GLN A 467 31.10 8.72 -10.35
CA GLN A 467 31.88 8.28 -11.48
C GLN A 467 31.47 6.86 -11.79
N LEU A 468 31.35 6.06 -10.74
CA LEU A 468 30.95 4.67 -10.84
C LEU A 468 29.57 4.55 -11.46
N LEU A 469 28.64 5.39 -11.01
CA LEU A 469 27.28 5.40 -11.56
C LEU A 469 27.23 5.83 -13.01
N ALA A 470 28.15 6.68 -13.39
CA ALA A 470 28.22 7.18 -14.74
C ALA A 470 28.22 6.04 -15.76
N ARG A 471 28.91 4.92 -15.48
CA ARG A 471 28.86 3.76 -16.40
C ARG A 471 27.90 2.79 -15.79
N ARG A 472 26.68 2.86 -16.29
CA ARG A 472 25.60 2.11 -15.69
C ARG A 472 25.25 0.89 -16.52
N GLU A 473 26.02 0.61 -17.60
CA GLU A 473 25.59 -0.31 -18.67
C GLU A 473 24.91 -1.55 -18.17
N VAL A 474 25.49 -2.16 -17.15
CA VAL A 474 24.96 -3.40 -16.62
C VAL A 474 23.61 -3.17 -15.93
N TRP A 475 23.49 -2.08 -15.20
CA TRP A 475 22.23 -1.77 -14.56
C TRP A 475 21.07 -1.48 -15.53
N ASP A 476 21.32 -0.63 -16.54
CA ASP A 476 20.29 -0.24 -17.52
C ASP A 476 19.68 -1.43 -18.29
N GLN A 477 20.51 -2.40 -18.63
CA GLN A 477 20.06 -3.54 -19.43
C GLN A 477 19.51 -4.66 -18.61
N SER A 478 19.56 -4.54 -17.28
CA SER A 478 19.10 -5.68 -16.52
C SER A 478 17.60 -5.75 -16.54
N ALA A 479 17.10 -6.96 -16.31
CA ALA A 479 15.69 -7.19 -16.16
C ALA A 479 15.35 -6.37 -14.91
N LEU A 480 14.24 -5.65 -15.00
CA LEU A 480 13.69 -4.94 -13.86
C LEU A 480 13.45 -5.97 -12.75
N ASP A 481 14.01 -5.74 -11.56
CA ASP A 481 13.72 -6.55 -10.37
C ASP A 481 13.03 -5.62 -9.36
N VAL A 482 11.73 -5.82 -9.19
CA VAL A 482 10.93 -4.89 -8.41
C VAL A 482 11.46 -4.91 -7.00
N GLY A 483 11.65 -6.10 -6.46
CA GLY A 483 12.19 -6.16 -5.12
C GLY A 483 13.54 -5.50 -4.91
N LEU A 484 14.36 -5.55 -5.95
CA LEU A 484 15.71 -4.93 -5.98
C LEU A 484 15.58 -3.40 -6.07
N THR A 485 14.82 -2.94 -7.04
CA THR A 485 14.49 -1.53 -7.18
C THR A 485 13.94 -1.01 -5.86
N MET A 486 12.95 -1.68 -5.31
CA MET A 486 12.37 -1.25 -4.03
C MET A 486 13.37 -1.10 -2.88
N GLN A 487 14.45 -1.89 -2.91
CA GLN A 487 15.44 -1.78 -1.82
C GLN A 487 16.17 -0.46 -1.84
N LEU A 488 16.34 0.11 -3.05
CA LEU A 488 17.02 1.38 -3.22
C LEU A 488 16.15 2.57 -2.87
N LEU A 489 14.87 2.35 -2.65
CA LEU A 489 13.98 3.43 -2.23
C LEU A 489 13.66 3.51 -0.72
N ASP A 490 14.26 2.63 0.07
CA ASP A 490 13.99 2.63 1.51
C ASP A 490 14.77 3.63 2.34
N CYS A 491 14.69 3.47 3.67
CA CYS A 491 15.23 4.45 4.63
C CYS A 491 16.74 4.40 4.64
N ASN A 492 17.32 3.45 3.95
CA ASN A 492 18.77 3.24 4.00
C ASN A 492 19.54 3.93 2.91
N PHE A 493 18.84 4.62 2.01
CA PHE A 493 19.46 5.35 0.89
C PHE A 493 18.94 6.79 0.79
N SER A 494 19.79 7.73 1.12
CA SER A 494 19.47 9.14 1.07
C SER A 494 20.03 9.87 -0.17
N ASP A 495 20.82 9.18 -0.97
CA ASP A 495 21.41 9.79 -2.15
C ASP A 495 20.46 9.90 -3.34
N GLU A 496 20.37 11.10 -3.95
CA GLU A 496 19.42 11.39 -5.03
C GLU A 496 19.68 10.59 -6.33
N ASN A 497 20.93 10.28 -6.59
CA ASN A 497 21.32 9.52 -7.77
C ASN A 497 21.09 8.05 -7.59
N VAL A 498 21.46 7.53 -6.45
CA VAL A 498 21.12 6.16 -6.10
C VAL A 498 19.60 5.89 -6.25
N ARG A 499 18.77 6.73 -5.62
CA ARG A 499 17.32 6.49 -5.65
C ARG A 499 16.74 6.63 -7.04
N ALA A 500 17.29 7.56 -7.79
CA ALA A 500 16.85 7.90 -9.15
C ALA A 500 17.04 6.72 -10.14
N ILE A 501 18.09 5.93 -9.96
CA ILE A 501 18.28 4.81 -10.86
C ILE A 501 17.21 3.77 -10.58
N ALA A 502 16.83 3.61 -9.32
CA ALA A 502 15.76 2.68 -8.98
C ALA A 502 14.50 3.16 -9.75
N VAL A 503 14.22 4.45 -9.70
CA VAL A 503 13.04 5.03 -10.34
C VAL A 503 13.14 4.88 -11.85
N GLN A 504 14.37 4.95 -12.34
CA GLN A 504 14.64 4.71 -13.74
C GLN A 504 14.07 3.39 -14.12
N LYS A 505 14.44 2.37 -13.36
CA LYS A 505 13.96 1.04 -13.64
C LYS A 505 12.48 0.81 -13.49
N LEU A 506 11.85 1.69 -12.72
CA LEU A 506 10.42 1.57 -12.56
C LEU A 506 9.77 2.08 -13.81
N GLU A 507 10.42 3.01 -14.51
CA GLU A 507 9.81 3.64 -15.66
C GLU A 507 9.28 2.56 -16.59
N SER A 508 9.89 1.38 -16.57
CA SER A 508 9.44 0.36 -17.52
C SER A 508 8.24 -0.45 -17.00
N LEU A 509 7.76 -0.12 -15.82
CA LEU A 509 6.57 -0.80 -15.33
C LEU A 509 5.35 -0.30 -16.08
N GLU A 510 4.61 -1.23 -16.66
CA GLU A 510 3.28 -0.98 -17.21
C GLU A 510 2.18 -0.92 -16.12
N ASP A 511 1.08 -0.20 -16.40
CA ASP A 511 0.05 0.10 -15.37
C ASP A 511 -0.45 -1.12 -14.61
N ASP A 512 -0.55 -2.27 -15.26
CA ASP A 512 -0.96 -3.47 -14.53
C ASP A 512 -0.09 -3.64 -13.23
N ASP A 513 1.22 -3.49 -13.37
CA ASP A 513 2.11 -3.65 -12.22
C ASP A 513 2.27 -2.45 -11.28
N VAL A 514 2.10 -1.25 -11.81
CA VAL A 514 2.16 -0.06 -10.96
C VAL A 514 1.02 -0.09 -9.99
N LEU A 515 -0.11 -0.62 -10.46
CA LEU A 515 -1.26 -0.78 -9.61
C LEU A 515 -0.97 -1.74 -8.48
N HIS A 516 -0.26 -2.79 -8.79
CA HIS A 516 0.18 -3.80 -7.88
C HIS A 516 0.99 -3.15 -6.70
N TYR A 517 1.95 -2.28 -7.07
CA TYR A 517 2.88 -1.66 -6.11
C TYR A 517 2.59 -0.19 -5.73
N LEU A 518 1.52 0.40 -6.25
CA LEU A 518 1.28 1.81 -6.02
C LEU A 518 1.35 2.18 -4.53
N LEU A 519 0.61 1.45 -3.71
CA LEU A 519 0.54 1.76 -2.29
C LEU A 519 1.92 1.81 -1.61
N GLN A 520 2.74 0.80 -1.85
CA GLN A 520 4.06 0.74 -1.24
C GLN A 520 5.03 1.82 -1.75
N LEU A 521 4.95 2.17 -3.04
CA LEU A 521 5.75 3.27 -3.62
C LEU A 521 5.39 4.64 -3.04
N VAL A 522 4.13 4.93 -2.94
CA VAL A 522 3.62 6.10 -2.26
C VAL A 522 4.17 6.08 -0.81
N GLN A 523 4.12 4.94 -0.11
CA GLN A 523 4.68 4.97 1.25
C GLN A 523 6.17 5.27 1.17
N ALA A 524 6.81 4.78 0.13
CA ALA A 524 8.24 4.98 -0.09
C ALA A 524 8.59 6.47 -0.19
N VAL A 525 7.61 7.30 -0.51
CA VAL A 525 7.87 8.74 -0.60
C VAL A 525 8.41 9.28 0.74
N LYS A 526 7.99 8.65 1.83
CA LYS A 526 8.45 9.05 3.16
C LYS A 526 9.99 9.05 3.40
N PHE A 527 10.70 8.17 2.71
CA PHE A 527 12.16 7.99 2.85
C PHE A 527 12.95 8.96 1.98
N GLU A 528 12.25 9.75 1.20
CA GLU A 528 12.87 10.75 0.34
C GLU A 528 13.33 11.97 1.12
N PRO A 529 14.62 12.33 0.99
CA PRO A 529 15.07 13.50 1.74
C PRO A 529 14.35 14.77 1.37
N TYR A 530 14.04 14.98 0.09
CA TYR A 530 13.46 16.25 -0.35
C TYR A 530 12.03 16.05 -0.86
N HIS A 531 11.17 17.08 -0.75
CA HIS A 531 9.77 17.00 -1.21
C HIS A 531 9.59 16.72 -2.70
N ASP A 532 10.40 17.35 -3.50
CA ASP A 532 10.42 17.07 -4.93
C ASP A 532 11.41 16.00 -5.20
N SER A 533 10.95 14.86 -5.67
CA SER A 533 11.85 13.75 -5.89
C SER A 533 11.53 13.06 -7.19
N ALA A 534 12.55 12.44 -7.78
CA ALA A 534 12.34 11.61 -8.97
C ALA A 534 11.13 10.67 -8.76
N LEU A 535 11.11 9.95 -7.63
CA LEU A 535 10.02 9.02 -7.32
C LEU A 535 8.66 9.69 -7.18
N ALA A 536 8.67 10.81 -6.49
CA ALA A 536 7.46 11.59 -6.35
C ALA A 536 6.96 12.00 -7.73
N ARG A 537 7.87 12.36 -8.63
CA ARG A 537 7.46 12.77 -9.98
C ARG A 537 6.92 11.59 -10.83
N PHE A 538 7.44 10.38 -10.62
CA PHE A 538 7.01 9.18 -11.33
C PHE A 538 5.56 8.78 -10.89
N LEU A 539 5.29 8.86 -9.59
CA LEU A 539 3.93 8.66 -9.12
C LEU A 539 3.06 9.71 -9.79
N LEU A 540 3.57 10.94 -9.90
CA LEU A 540 2.86 12.03 -10.56
C LEU A 540 2.48 11.70 -11.98
N LYS A 541 3.47 11.34 -12.79
CA LYS A 541 3.18 11.02 -14.18
C LYS A 541 2.18 9.89 -14.35
N ARG A 542 2.43 8.79 -13.65
CA ARG A 542 1.68 7.55 -13.74
C ARG A 542 0.19 7.71 -13.38
N GLY A 543 -0.08 8.50 -12.35
CA GLY A 543 -1.42 8.82 -11.93
C GLY A 543 -2.14 9.64 -12.97
N LEU A 544 -1.43 10.63 -13.51
CA LEU A 544 -1.99 11.48 -14.56
C LEU A 544 -2.18 10.77 -15.88
N ARG A 545 -1.35 9.78 -16.16
CA ARG A 545 -1.41 9.08 -17.44
C ARG A 545 -2.59 8.12 -17.49
N ASN A 546 -3.04 7.73 -16.32
CA ASN A 546 -4.07 6.73 -16.25
C ASN A 546 -5.00 7.00 -15.10
N LYS A 547 -6.29 6.90 -15.38
CA LYS A 547 -7.33 7.21 -14.41
C LYS A 547 -7.39 6.16 -13.31
N ARG A 548 -7.20 4.88 -13.61
CA ARG A 548 -7.30 3.90 -12.52
C ARG A 548 -6.13 4.13 -11.55
N ILE A 549 -4.96 4.42 -12.11
CA ILE A 549 -3.83 4.77 -11.24
C ILE A 549 -4.13 6.08 -10.52
N GLY A 550 -4.53 7.09 -11.26
CA GLY A 550 -4.91 8.34 -10.68
C GLY A 550 -5.90 8.16 -9.54
N HIS A 551 -6.92 7.35 -9.75
CA HIS A 551 -7.90 7.12 -8.68
C HIS A 551 -7.33 6.61 -7.36
N PHE A 552 -6.48 5.59 -7.43
CA PHE A 552 -5.99 5.03 -6.21
C PHE A 552 -4.89 5.97 -5.62
N LEU A 553 -4.08 6.56 -6.51
CA LEU A 553 -3.09 7.57 -6.09
C LEU A 553 -3.73 8.63 -5.19
N PHE A 554 -4.85 9.14 -5.68
CA PHE A 554 -5.63 10.12 -4.95
C PHE A 554 -5.95 9.58 -3.56
N TRP A 555 -6.63 8.45 -3.45
CA TRP A 555 -7.05 7.96 -2.14
C TRP A 555 -5.87 7.66 -1.20
N PHE A 556 -4.82 7.09 -1.75
CA PHE A 556 -3.60 6.76 -1.00
C PHE A 556 -3.03 8.02 -0.41
N LEU A 557 -2.85 9.02 -1.26
CA LEU A 557 -2.34 10.28 -0.76
C LEU A 557 -3.27 10.92 0.29
N ARG A 558 -4.55 10.93 0.05
CA ARG A 558 -5.52 11.51 0.99
C ARG A 558 -5.55 10.75 2.32
N SER A 559 -5.32 9.45 2.26
CA SER A 559 -5.26 8.65 3.47
C SER A 559 -4.25 9.23 4.46
N GLU A 560 -3.02 9.45 3.96
CA GLU A 560 -1.90 9.97 4.70
C GLU A 560 -2.03 11.41 5.11
N ILE A 561 -2.54 12.22 4.19
CA ILE A 561 -2.66 13.66 4.42
C ILE A 561 -3.59 13.87 5.65
N ALA A 562 -4.58 13.02 5.77
CA ALA A 562 -5.58 13.13 6.83
C ALA A 562 -4.96 12.69 8.14
N GLN A 563 -4.14 11.64 8.08
CA GLN A 563 -3.65 11.02 9.33
C GLN A 563 -2.16 11.15 9.68
N SER A 564 -1.39 11.93 8.94
CA SER A 564 0.03 12.04 9.25
C SER A 564 0.37 13.49 9.30
N ARG A 565 0.67 14.01 10.48
CA ARG A 565 1.10 15.39 10.55
C ARG A 565 2.55 15.38 10.08
N HIS A 566 3.18 14.23 10.26
CA HIS A 566 4.55 14.04 9.84
C HIS A 566 4.74 14.21 8.37
N TYR A 567 4.02 13.46 7.54
CA TYR A 567 4.17 13.58 6.10
C TYR A 567 3.12 14.30 5.29
N GLN A 568 2.07 14.78 5.95
CA GLN A 568 0.96 15.41 5.23
C GLN A 568 1.25 16.63 4.36
N GLN A 569 2.24 17.40 4.72
CA GLN A 569 2.57 18.57 3.91
C GLN A 569 3.11 18.20 2.54
N ARG A 570 4.00 17.22 2.52
CA ARG A 570 4.65 16.88 1.27
C ARG A 570 3.65 16.20 0.33
N PHE A 571 2.90 15.26 0.89
CA PHE A 571 1.82 14.61 0.19
C PHE A 571 0.75 15.57 -0.38
N ALA A 572 0.29 16.54 0.42
CA ALA A 572 -0.66 17.55 -0.07
C ALA A 572 -0.16 18.29 -1.31
N VAL A 573 1.14 18.50 -1.39
CA VAL A 573 1.72 19.15 -2.55
C VAL A 573 1.68 18.25 -3.75
N ILE A 574 1.86 16.97 -3.48
CA ILE A 574 1.86 15.98 -4.57
C ILE A 574 0.46 15.72 -5.05
N LEU A 575 -0.48 15.70 -4.12
CA LEU A 575 -1.87 15.51 -4.48
C LEU A 575 -2.33 16.70 -5.35
N GLU A 576 -1.99 17.92 -4.89
CA GLU A 576 -2.37 19.16 -5.57
C GLU A 576 -1.83 19.13 -6.96
N ALA A 577 -0.56 18.75 -7.06
CA ALA A 577 0.06 18.59 -8.36
C ALA A 577 -0.84 17.71 -9.27
N TYR A 578 -1.21 16.51 -8.80
CA TYR A 578 -2.10 15.57 -9.51
C TYR A 578 -3.43 16.18 -9.98
N LEU A 579 -4.13 16.75 -9.00
CA LEU A 579 -5.48 17.24 -9.22
C LEU A 579 -5.51 18.30 -10.35
N ARG A 580 -4.44 19.05 -10.48
CA ARG A 580 -4.43 20.06 -11.52
C ARG A 580 -4.29 19.46 -12.90
N GLY A 581 -3.97 18.17 -12.97
CA GLY A 581 -3.84 17.52 -14.25
C GLY A 581 -4.84 16.46 -14.71
N CYS A 582 -5.70 15.99 -13.79
CA CYS A 582 -6.49 14.79 -14.00
C CYS A 582 -7.74 14.97 -14.83
N GLY A 583 -8.20 16.21 -14.95
CA GLY A 583 -9.43 16.49 -15.69
C GLY A 583 -10.61 16.87 -14.83
N THR A 584 -11.56 17.59 -15.40
CA THR A 584 -12.71 18.03 -14.61
C THR A 584 -13.65 16.87 -14.36
N ALA A 585 -13.60 15.87 -15.25
CA ALA A 585 -14.41 14.70 -15.01
C ALA A 585 -14.07 14.07 -13.66
N MET A 586 -12.79 13.78 -13.42
CA MET A 586 -12.37 13.10 -12.18
C MET A 586 -12.49 14.04 -11.01
N LEU A 587 -12.21 15.30 -11.29
CA LEU A 587 -12.37 16.32 -10.31
C LEU A 587 -13.79 16.30 -9.78
N HIS A 588 -14.73 15.97 -10.64
CA HIS A 588 -16.14 15.87 -10.29
C HIS A 588 -16.41 14.59 -9.44
N ASP A 589 -15.93 13.46 -9.94
CA ASP A 589 -16.08 12.22 -9.22
C ASP A 589 -15.58 12.33 -7.77
N PHE A 590 -14.31 12.75 -7.60
CA PHE A 590 -13.66 12.95 -6.29
C PHE A 590 -14.50 13.78 -5.35
N THR A 591 -15.08 14.85 -5.85
CA THR A 591 -15.85 15.70 -4.97
C THR A 591 -17.08 14.95 -4.44
N GLN A 592 -17.77 14.24 -5.34
CA GLN A 592 -18.89 13.37 -5.02
C GLN A 592 -18.51 12.29 -4.05
N GLN A 593 -17.41 11.62 -4.34
CA GLN A 593 -16.87 10.57 -3.49
C GLN A 593 -16.65 11.23 -2.14
N VAL A 594 -15.85 12.31 -2.11
CA VAL A 594 -15.54 13.05 -0.87
C VAL A 594 -16.76 13.46 -0.03
N GLN A 595 -17.78 14.04 -0.65
CA GLN A 595 -19.03 14.41 0.06
C GLN A 595 -19.69 13.23 0.78
N VAL A 596 -19.82 12.12 0.06
CA VAL A 596 -20.44 10.95 0.63
C VAL A 596 -19.67 10.43 1.82
N ILE A 597 -18.35 10.36 1.66
CA ILE A 597 -17.46 9.85 2.69
C ILE A 597 -17.51 10.68 3.97
N GLU A 598 -17.53 12.01 3.83
CA GLU A 598 -17.68 12.85 5.02
C GLU A 598 -19.01 12.71 5.69
N MET A 599 -20.04 12.77 4.87
CA MET A 599 -21.37 12.64 5.38
C MET A 599 -21.49 11.31 6.14
N LEU A 600 -20.99 10.22 5.57
CA LEU A 600 -21.17 8.95 6.24
C LEU A 600 -20.18 8.68 7.35
N GLN A 601 -19.08 9.41 7.33
CA GLN A 601 -18.09 9.20 8.38
C GLN A 601 -18.67 9.92 9.57
N LYS A 602 -19.31 11.05 9.32
CA LYS A 602 -20.04 11.71 10.36
C LYS A 602 -21.00 10.79 11.12
N VAL A 603 -21.84 10.07 10.38
CA VAL A 603 -22.87 9.19 10.96
C VAL A 603 -22.21 8.08 11.72
N THR A 604 -21.12 7.60 11.15
CA THR A 604 -20.38 6.47 11.67
C THR A 604 -19.90 6.69 13.07
N LEU A 605 -19.45 7.91 13.37
CA LEU A 605 -18.95 8.31 14.69
C LEU A 605 -20.07 8.63 15.69
N ASP A 606 -21.05 9.42 15.24
CA ASP A 606 -22.17 9.79 16.06
C ASP A 606 -22.88 8.57 16.63
N ILE A 607 -22.88 7.48 15.86
CA ILE A 607 -23.46 6.23 16.33
C ILE A 607 -22.59 5.48 17.34
N LYS A 608 -21.28 5.57 17.18
CA LYS A 608 -20.36 5.02 18.18
C LYS A 608 -20.53 5.74 19.52
N SER A 609 -20.63 7.07 19.49
CA SER A 609 -20.65 7.84 20.73
C SER A 609 -21.83 7.54 21.65
N LEU A 610 -23.02 7.44 21.07
CA LEU A 610 -24.24 7.18 21.85
C LEU A 610 -24.26 5.82 22.56
N SER A 611 -23.77 4.81 21.87
CA SER A 611 -23.91 3.42 22.28
C SER A 611 -22.53 2.94 22.68
N ALA A 612 -22.51 1.95 23.55
CA ALA A 612 -21.23 1.41 24.01
C ALA A 612 -21.35 -0.11 24.03
N GLU A 613 -20.33 -0.76 24.57
CA GLU A 613 -20.24 -2.19 24.46
C GLU A 613 -21.02 -2.97 25.49
N LYS A 614 -22.06 -3.58 24.95
CA LYS A 614 -22.75 -4.61 25.67
C LYS A 614 -22.14 -5.98 25.30
N TYR A 615 -21.69 -6.19 24.06
CA TYR A 615 -21.99 -5.39 22.87
C TYR A 615 -23.42 -5.71 22.43
N ASP A 616 -24.29 -4.70 22.49
CA ASP A 616 -25.67 -4.85 22.08
C ASP A 616 -26.12 -3.69 21.22
N VAL A 617 -27.20 -3.92 20.48
CA VAL A 617 -27.78 -2.92 19.59
C VAL A 617 -29.18 -2.50 20.04
N SER A 618 -29.24 -1.33 20.68
CA SER A 618 -30.49 -0.70 21.08
C SER A 618 -31.47 -0.50 19.93
N SER A 619 -32.71 -0.89 20.14
CA SER A 619 -33.71 -0.58 19.12
C SER A 619 -33.68 0.94 18.87
N GLN A 620 -33.45 1.71 19.95
CA GLN A 620 -33.29 3.17 19.91
C GLN A 620 -32.19 3.66 19.01
N VAL A 621 -31.05 2.98 19.07
CA VAL A 621 -29.94 3.29 18.18
C VAL A 621 -30.31 3.01 16.72
N ILE A 622 -31.00 1.90 16.50
CA ILE A 622 -31.37 1.47 15.15
C ILE A 622 -32.31 2.42 14.44
N SER A 623 -33.31 2.93 15.17
CA SER A 623 -34.30 3.82 14.56
C SER A 623 -33.66 5.10 14.05
N GLN A 624 -32.74 5.65 14.85
CA GLN A 624 -32.01 6.85 14.47
C GLN A 624 -31.13 6.60 13.25
N LEU A 625 -30.52 5.42 13.21
CA LEU A 625 -29.54 5.10 12.19
C LEU A 625 -30.32 5.18 10.90
N LYS A 626 -31.56 4.73 10.95
CA LYS A 626 -32.49 5.02 9.85
C LYS A 626 -32.91 6.47 9.75
N GLN A 627 -33.24 7.10 10.88
CA GLN A 627 -33.56 8.51 10.80
C GLN A 627 -32.47 9.31 10.09
N LYS A 628 -31.24 9.24 10.59
CA LYS A 628 -30.14 9.97 9.96
C LYS A 628 -29.91 9.69 8.48
N LEU A 629 -29.86 8.40 8.12
CA LEU A 629 -29.55 8.03 6.75
C LEU A 629 -30.60 8.53 5.74
N GLU A 630 -31.87 8.46 6.13
CA GLU A 630 -32.96 8.86 5.25
C GLU A 630 -32.84 10.34 4.91
N ASN A 631 -32.49 11.15 5.90
CA ASN A 631 -32.29 12.57 5.69
C ASN A 631 -31.15 12.81 4.71
N LEU A 632 -30.09 12.00 4.85
CA LEU A 632 -28.95 12.09 3.96
C LEU A 632 -29.33 11.78 2.52
N GLN A 633 -30.19 10.79 2.33
CA GLN A 633 -30.62 10.39 0.99
C GLN A 633 -31.36 11.53 0.26
N ASN A 634 -32.20 12.24 1.00
CA ASN A 634 -32.99 13.34 0.47
C ASN A 634 -32.37 14.73 0.55
N SER A 635 -31.83 15.07 1.71
CA SER A 635 -31.34 16.43 1.97
C SER A 635 -30.11 16.91 1.21
N GLN A 636 -29.04 16.12 1.24
CA GLN A 636 -27.81 16.44 0.54
C GLN A 636 -27.22 15.18 -0.11
N LEU A 637 -27.74 14.78 -1.27
CA LEU A 637 -27.28 13.54 -1.87
C LEU A 637 -26.54 13.84 -3.15
N PRO A 638 -25.37 13.24 -3.29
CA PRO A 638 -24.61 13.31 -4.54
C PRO A 638 -25.08 12.15 -5.39
N GLU A 639 -25.93 12.38 -6.37
CA GLU A 639 -26.92 11.39 -6.74
C GLU A 639 -26.28 10.01 -6.91
N SER A 640 -25.07 9.97 -7.47
CA SER A 640 -24.29 8.78 -7.50
C SER A 640 -22.81 9.08 -7.22
N PHE A 641 -22.01 8.04 -6.95
CA PHE A 641 -20.59 8.21 -6.67
C PHE A 641 -19.76 6.99 -7.02
N ARG A 642 -18.45 7.19 -7.27
CA ARG A 642 -17.60 6.01 -7.51
C ARG A 642 -17.25 5.35 -6.20
N VAL A 643 -17.15 4.02 -6.24
CA VAL A 643 -16.77 3.23 -5.09
C VAL A 643 -15.27 3.29 -5.08
N PRO A 644 -14.69 3.98 -4.08
CA PRO A 644 -13.25 4.25 -4.04
C PRO A 644 -12.31 3.03 -4.19
N TYR A 645 -12.73 1.86 -3.72
CA TYR A 645 -11.91 0.64 -3.82
C TYR A 645 -12.21 -0.14 -5.08
N ASP A 646 -13.26 0.31 -5.75
CA ASP A 646 -13.63 -0.23 -7.05
C ASP A 646 -14.20 0.87 -7.95
N PRO A 647 -13.30 1.66 -8.53
CA PRO A 647 -13.75 2.80 -9.32
C PRO A 647 -14.52 2.47 -10.67
N GLY A 648 -14.50 1.23 -11.11
CA GLY A 648 -15.41 0.86 -12.16
C GLY A 648 -16.87 1.06 -11.81
N LEU A 649 -17.19 0.82 -10.55
CA LEU A 649 -18.57 0.79 -10.06
C LEU A 649 -19.10 2.10 -9.49
N LYS A 650 -20.25 2.57 -9.97
CA LYS A 650 -20.92 3.76 -9.40
C LYS A 650 -22.05 3.35 -8.47
N ALA A 651 -22.01 3.80 -7.22
CA ALA A 651 -23.06 3.45 -6.29
C ALA A 651 -24.09 4.50 -6.53
N GLY A 652 -25.34 4.05 -6.52
CA GLY A 652 -26.51 4.89 -6.71
C GLY A 652 -27.03 5.27 -5.35
N ALA A 653 -28.34 5.36 -5.22
CA ALA A 653 -28.87 5.67 -3.91
C ALA A 653 -28.84 4.51 -2.91
N LEU A 654 -28.75 4.86 -1.64
CA LEU A 654 -28.83 3.87 -0.57
C LEU A 654 -30.12 3.10 -0.63
N ALA A 655 -30.06 1.86 -0.16
CA ALA A 655 -31.27 1.14 0.20
C ALA A 655 -31.33 1.27 1.72
N ILE A 656 -32.22 2.12 2.22
CA ILE A 656 -32.13 2.48 3.62
C ILE A 656 -32.62 1.31 4.40
N GLU A 657 -33.41 0.44 3.77
CA GLU A 657 -33.95 -0.70 4.46
C GLU A 657 -32.94 -1.80 4.78
N LYS A 658 -31.89 -1.89 3.98
CA LYS A 658 -30.93 -2.98 4.18
C LYS A 658 -29.76 -2.53 5.04
N CYS A 659 -29.75 -1.24 5.39
CA CYS A 659 -28.70 -0.67 6.23
C CYS A 659 -28.92 -1.01 7.69
N LYS A 660 -27.82 -1.20 8.42
CA LYS A 660 -27.88 -1.60 9.82
C LYS A 660 -26.56 -1.30 10.51
N VAL A 661 -26.64 -0.99 11.80
CA VAL A 661 -25.45 -0.94 12.60
C VAL A 661 -25.00 -2.38 12.84
N MET A 662 -23.68 -2.51 12.90
CA MET A 662 -22.86 -3.71 13.17
C MET A 662 -22.65 -4.02 14.66
N ALA A 663 -22.72 -5.28 15.05
CA ALA A 663 -22.52 -5.60 16.45
C ALA A 663 -21.04 -5.84 16.83
N SER A 664 -20.09 -5.21 16.15
CA SER A 664 -18.66 -5.52 16.30
C SER A 664 -17.84 -5.33 17.62
N LYS A 665 -18.04 -4.23 18.36
CA LYS A 665 -17.06 -3.73 19.34
C LYS A 665 -16.65 -2.27 19.16
N LYS A 666 -17.09 -1.72 18.04
CA LYS A 666 -16.77 -0.39 17.54
C LYS A 666 -18.00 0.14 16.91
N LYS A 667 -18.99 -0.75 16.83
CA LYS A 667 -20.25 -0.39 16.16
C LYS A 667 -20.22 0.41 14.83
N PRO A 668 -19.57 -0.17 13.83
CA PRO A 668 -19.50 0.39 12.46
C PRO A 668 -20.77 0.14 11.64
N LEU A 669 -20.97 0.91 10.57
CA LEU A 669 -22.15 0.76 9.74
C LEU A 669 -22.01 -0.31 8.67
N TRP A 670 -23.12 -0.99 8.39
CA TRP A 670 -23.27 -1.93 7.29
C TRP A 670 -24.26 -1.24 6.37
N LEU A 671 -23.74 -0.79 5.22
CA LEU A 671 -24.51 -0.01 4.24
C LEU A 671 -24.68 -0.71 2.89
N GLU A 672 -25.80 -0.41 2.25
CA GLU A 672 -26.03 -0.96 0.93
C GLU A 672 -26.60 0.06 -0.02
N PHE A 673 -26.05 0.02 -1.23
CA PHE A 673 -26.50 0.94 -2.25
C PHE A 673 -27.09 0.16 -3.43
N LYS A 674 -27.91 0.88 -4.17
CA LYS A 674 -28.35 0.45 -5.49
C LYS A 674 -27.20 0.82 -6.42
N CYS A 675 -27.03 0.05 -7.50
CA CYS A 675 -26.06 0.43 -8.51
C CYS A 675 -26.65 1.49 -9.38
N ALA A 676 -25.89 2.55 -9.61
CA ALA A 676 -26.36 3.64 -10.45
C ALA A 676 -26.46 3.27 -11.92
N ASP A 677 -25.84 2.16 -12.33
CA ASP A 677 -25.89 1.80 -13.76
C ASP A 677 -27.13 0.96 -14.06
N PRO A 678 -28.09 1.55 -14.79
CA PRO A 678 -29.32 0.77 -15.00
C PRO A 678 -29.07 -0.40 -15.93
N THR A 679 -27.98 -0.35 -16.68
CA THR A 679 -27.68 -1.43 -17.62
C THR A 679 -26.95 -2.51 -16.86
N ALA A 680 -26.81 -2.30 -15.55
CA ALA A 680 -26.13 -3.30 -14.79
C ALA A 680 -26.97 -4.56 -14.87
N LEU A 681 -26.27 -5.67 -15.09
CA LEU A 681 -26.88 -6.99 -15.24
C LEU A 681 -27.61 -7.57 -14.02
N SER A 682 -27.04 -7.44 -12.82
CA SER A 682 -27.69 -8.05 -11.70
C SER A 682 -28.61 -7.12 -10.94
N ASN A 683 -29.31 -7.68 -9.97
CA ASN A 683 -30.26 -6.89 -9.24
C ASN A 683 -29.63 -6.48 -7.93
N GLU A 684 -28.42 -6.99 -7.69
CA GLU A 684 -27.65 -6.73 -6.45
C GLU A 684 -27.23 -5.35 -6.03
N THR A 685 -27.22 -5.13 -4.71
CA THR A 685 -26.84 -3.82 -4.18
C THR A 685 -25.28 -3.89 -3.99
N ILE A 686 -24.70 -2.75 -3.65
CA ILE A 686 -23.32 -2.63 -3.31
C ILE A 686 -23.15 -2.44 -1.79
N GLY A 687 -22.64 -3.44 -1.07
CA GLY A 687 -22.53 -3.28 0.38
C GLY A 687 -21.20 -2.63 0.67
N ILE A 688 -21.17 -1.72 1.65
CA ILE A 688 -19.94 -1.10 2.10
C ILE A 688 -20.05 -0.96 3.60
N ILE A 689 -18.98 -1.26 4.32
CA ILE A 689 -19.01 -1.13 5.75
C ILE A 689 -18.15 0.07 6.12
N PHE A 690 -18.78 1.05 6.77
CA PHE A 690 -18.07 2.21 7.37
C PHE A 690 -17.76 1.98 8.84
N LYS A 691 -16.49 2.07 9.21
CA LYS A 691 -16.09 1.74 10.58
C LYS A 691 -15.10 2.70 11.23
N HIS A 692 -15.22 2.88 12.54
CA HIS A 692 -14.27 3.67 13.30
C HIS A 692 -13.68 2.89 14.46
N GLY A 693 -12.36 2.99 14.62
CA GLY A 693 -11.63 2.42 15.73
C GLY A 693 -10.64 1.38 15.27
N ASP A 694 -10.53 1.16 13.96
CA ASP A 694 -9.42 0.36 13.46
C ASP A 694 -8.47 1.21 12.62
N ASP A 695 -7.19 0.82 12.59
CA ASP A 695 -6.30 1.51 11.65
C ASP A 695 -6.36 0.72 10.38
N LEU A 696 -7.09 1.31 9.45
CA LEU A 696 -7.44 0.67 8.21
C LEU A 696 -6.23 0.75 7.29
N ARG A 697 -5.25 1.54 7.72
CA ARG A 697 -4.00 1.64 6.99
C ARG A 697 -3.19 0.38 7.05
N GLN A 698 -3.18 -0.27 8.20
CA GLN A 698 -2.43 -1.51 8.26
C GLN A 698 -3.20 -2.49 7.38
N ASP A 699 -4.53 -2.47 7.50
CA ASP A 699 -5.38 -3.32 6.62
C ASP A 699 -5.21 -3.08 5.12
N MET A 700 -5.04 -1.83 4.68
CA MET A 700 -4.81 -1.61 3.25
C MET A 700 -3.52 -2.33 2.84
N LEU A 701 -2.43 -1.99 3.53
CA LEU A 701 -1.13 -2.59 3.31
C LEU A 701 -1.17 -4.12 3.29
N ILE A 702 -1.95 -4.71 4.20
CA ILE A 702 -2.00 -6.17 4.25
C ILE A 702 -2.73 -6.72 3.05
N LEU A 703 -3.85 -6.10 2.70
CA LEU A 703 -4.65 -6.54 1.58
C LEU A 703 -3.83 -6.42 0.30
N GLN A 704 -3.00 -5.38 0.24
CA GLN A 704 -2.15 -5.15 -0.92
C GLN A 704 -1.10 -6.24 -1.07
N ILE A 705 -0.42 -6.59 0.01
CA ILE A 705 0.54 -7.68 -0.09
C ILE A 705 -0.10 -8.98 -0.55
N LEU A 706 -1.37 -9.15 -0.22
CA LEU A 706 -2.12 -10.32 -0.59
C LEU A 706 -2.31 -10.31 -2.11
N ARG A 707 -2.66 -9.15 -2.64
CA ARG A 707 -2.84 -8.98 -4.07
C ARG A 707 -1.50 -9.22 -4.80
N ILE A 708 -0.39 -9.04 -4.08
CA ILE A 708 0.94 -9.33 -4.63
C ILE A 708 1.23 -10.84 -4.71
N MET A 709 0.98 -11.54 -3.62
CA MET A 709 1.17 -12.98 -3.55
C MET A 709 0.33 -13.65 -4.68
N GLU A 710 -0.87 -13.14 -4.91
CA GLU A 710 -1.69 -13.61 -5.99
C GLU A 710 -0.96 -13.41 -7.32
N SER A 711 -0.47 -12.20 -7.60
CA SER A 711 0.18 -11.97 -8.90
C SER A 711 1.41 -12.81 -9.08
N ILE A 712 2.10 -13.12 -7.99
CA ILE A 712 3.28 -13.98 -8.08
C ILE A 712 2.86 -15.38 -8.48
N TRP A 713 1.81 -15.86 -7.85
CA TRP A 713 1.28 -17.13 -8.21
C TRP A 713 0.73 -17.13 -9.64
N GLU A 714 0.20 -16.00 -10.08
CA GLU A 714 -0.28 -15.98 -11.44
C GLU A 714 0.80 -16.20 -12.48
N THR A 715 2.02 -15.82 -12.12
CA THR A 715 3.16 -15.96 -13.00
C THR A 715 3.65 -17.38 -13.06
N GLU A 716 3.41 -18.07 -11.96
CA GLU A 716 3.70 -19.48 -11.82
C GLU A 716 2.52 -20.38 -12.22
N SER A 717 1.50 -19.73 -12.78
CA SER A 717 0.26 -20.37 -13.21
C SER A 717 -0.64 -20.93 -12.12
N LEU A 718 -0.50 -20.38 -10.92
CA LEU A 718 -1.30 -20.74 -9.74
C LEU A 718 -2.47 -19.80 -9.43
N ASP A 719 -3.54 -20.39 -8.91
CA ASP A 719 -4.69 -19.63 -8.40
C ASP A 719 -5.00 -20.11 -6.99
N LEU A 720 -4.77 -19.26 -5.98
CA LEU A 720 -5.11 -19.68 -4.62
C LEU A 720 -6.45 -19.16 -4.10
N CYS A 721 -7.19 -18.51 -4.98
CA CYS A 721 -8.56 -18.13 -4.75
C CYS A 721 -8.72 -17.30 -3.45
N LEU A 722 -7.83 -16.31 -3.29
CA LEU A 722 -7.80 -15.37 -2.17
C LEU A 722 -8.92 -14.41 -2.33
N LEU A 723 -9.15 -13.57 -1.35
CA LEU A 723 -10.30 -12.70 -1.49
C LEU A 723 -9.90 -11.40 -0.80
N PRO A 724 -8.92 -10.68 -1.38
CA PRO A 724 -8.47 -9.43 -0.77
C PRO A 724 -9.48 -8.37 -1.15
N TYR A 725 -10.56 -8.36 -0.38
CA TYR A 725 -11.67 -7.42 -0.51
C TYR A 725 -11.17 -5.97 -0.42
N GLY A 726 -11.84 -5.05 -1.10
CA GLY A 726 -11.43 -3.67 -1.02
C GLY A 726 -11.52 -3.02 0.33
N CYS A 727 -10.45 -2.33 0.72
CA CYS A 727 -10.46 -1.56 1.96
C CYS A 727 -9.73 -0.22 1.80
N ILE A 728 -10.38 0.95 1.93
CA ILE A 728 -9.61 2.20 1.87
C ILE A 728 -9.60 3.05 3.13
N SER A 729 -8.44 3.27 3.72
CA SER A 729 -8.33 4.14 4.89
C SER A 729 -8.62 5.59 4.51
N THR A 730 -9.32 6.32 5.40
CA THR A 730 -9.66 7.71 5.13
C THR A 730 -9.33 8.75 6.21
N GLY A 731 -9.87 8.55 7.40
CA GLY A 731 -9.69 9.49 8.49
C GLY A 731 -8.67 9.62 9.60
N ASP A 732 -8.93 8.89 10.66
CA ASP A 732 -7.99 8.67 11.70
C ASP A 732 -8.68 7.45 12.14
N LYS A 733 -7.97 6.36 12.25
CA LYS A 733 -8.70 5.17 12.69
C LYS A 733 -10.04 5.07 11.97
N ILE A 734 -10.05 5.42 10.68
CA ILE A 734 -11.31 5.36 9.98
C ILE A 734 -11.14 5.16 8.47
N GLY A 735 -12.11 4.47 7.88
CA GLY A 735 -12.10 4.15 6.46
C GLY A 735 -13.30 3.32 6.07
N MET A 736 -13.29 2.81 4.83
CA MET A 736 -14.34 1.86 4.36
C MET A 736 -13.82 0.48 3.97
N ILE A 737 -14.76 -0.45 3.96
CA ILE A 737 -14.43 -1.81 3.62
C ILE A 737 -15.50 -2.43 2.71
N GLU A 738 -15.05 -3.13 1.68
CA GLU A 738 -15.93 -3.87 0.78
C GLU A 738 -16.62 -5.10 1.39
N ILE A 739 -17.94 -5.14 1.31
CA ILE A 739 -18.68 -6.29 1.82
C ILE A 739 -18.56 -7.41 0.74
N VAL A 740 -18.09 -8.58 1.15
CA VAL A 740 -18.06 -9.75 0.29
C VAL A 740 -19.41 -10.42 0.38
N LYS A 741 -20.08 -10.60 -0.75
CA LYS A 741 -21.44 -11.09 -0.70
C LYS A 741 -21.47 -12.58 -0.41
N ASP A 742 -22.48 -12.94 0.39
CA ASP A 742 -22.76 -14.33 0.79
C ASP A 742 -21.69 -14.95 1.61
N ALA A 743 -21.13 -14.20 2.56
CA ALA A 743 -20.03 -14.75 3.31
C ALA A 743 -20.56 -14.62 4.68
N THR A 744 -20.10 -15.54 5.50
CA THR A 744 -20.48 -15.58 6.89
C THR A 744 -19.19 -15.89 7.55
N THR A 745 -19.16 -15.73 8.85
CA THR A 745 -17.94 -16.01 9.57
C THR A 745 -17.80 -17.47 9.88
N ILE A 746 -16.58 -18.03 9.84
CA ILE A 746 -16.51 -19.45 10.17
C ILE A 746 -17.05 -19.61 11.58
N ALA A 747 -16.70 -18.64 12.42
CA ALA A 747 -17.25 -18.60 13.76
C ALA A 747 -18.72 -18.34 13.41
N LYS A 748 -19.65 -18.65 14.26
CA LYS A 748 -21.06 -18.50 13.92
C LYS A 748 -21.51 -19.36 12.72
N ILE A 749 -20.62 -20.20 12.20
CA ILE A 749 -20.95 -21.37 11.36
C ILE A 749 -20.86 -22.57 12.32
N GLN A 750 -20.12 -22.30 13.39
CA GLN A 750 -19.90 -23.14 14.57
C GLN A 750 -21.13 -22.98 15.41
N GLN A 751 -21.66 -21.79 15.35
CA GLN A 751 -22.82 -21.39 16.11
C GLN A 751 -24.05 -21.91 15.36
N SER A 752 -23.85 -22.57 14.22
CA SER A 752 -25.01 -23.18 13.56
C SER A 752 -25.91 -23.94 14.50
N THR A 753 -25.40 -24.84 15.32
CA THR A 753 -26.32 -25.51 16.23
C THR A 753 -26.71 -24.84 17.58
N VAL A 754 -25.74 -24.21 18.26
CA VAL A 754 -25.98 -23.53 19.60
C VAL A 754 -25.59 -22.05 19.66
N GLY A 755 -24.27 -21.78 19.65
CA GLY A 755 -23.64 -20.45 19.76
C GLY A 755 -23.64 -19.28 20.78
N ASN A 756 -23.34 -19.45 22.09
CA ASN A 756 -23.33 -18.27 22.93
C ASN A 756 -22.27 -18.47 23.99
N THR A 757 -21.61 -19.61 23.90
CA THR A 757 -20.38 -19.88 24.61
C THR A 757 -19.10 -20.15 23.81
N GLY A 758 -18.98 -21.36 23.28
CA GLY A 758 -17.72 -21.80 22.73
C GLY A 758 -17.63 -23.26 22.33
N ALA A 759 -16.42 -23.80 22.38
CA ALA A 759 -16.21 -25.19 22.05
C ALA A 759 -16.20 -25.28 20.55
N PHE A 760 -16.34 -26.49 20.03
CA PHE A 760 -16.34 -26.64 18.57
C PHE A 760 -16.95 -27.97 18.17
N LYS A 761 -17.35 -28.10 16.91
CA LYS A 761 -17.77 -29.41 16.44
C LYS A 761 -17.45 -29.75 14.97
N ASP A 762 -16.86 -30.93 14.74
CA ASP A 762 -16.44 -31.31 13.39
C ASP A 762 -17.63 -31.62 12.49
N GLU A 763 -17.41 -31.52 11.19
CA GLU A 763 -18.44 -31.60 10.16
C GLU A 763 -19.53 -30.50 10.08
N VAL A 764 -19.60 -29.59 11.03
CA VAL A 764 -20.65 -28.60 10.98
C VAL A 764 -20.45 -27.82 9.68
N LEU A 765 -19.20 -27.41 9.45
CA LEU A 765 -18.85 -26.62 8.28
C LEU A 765 -19.28 -27.29 6.96
N ASN A 766 -19.01 -28.59 6.83
CA ASN A 766 -19.37 -29.36 5.62
C ASN A 766 -20.89 -29.40 5.58
N HIS A 767 -21.49 -29.36 6.76
CA HIS A 767 -22.96 -29.28 6.82
C HIS A 767 -23.43 -27.94 6.34
N TRP A 768 -22.74 -26.88 6.74
CA TRP A 768 -23.13 -25.56 6.29
C TRP A 768 -23.10 -25.52 4.74
N LEU A 769 -22.14 -26.24 4.14
CA LEU A 769 -21.96 -26.32 2.67
C LEU A 769 -23.04 -27.08 1.88
N LYS A 770 -23.35 -28.31 2.30
CA LYS A 770 -24.38 -29.01 1.57
C LYS A 770 -25.61 -28.14 1.59
N GLU A 771 -25.92 -27.58 2.76
CA GLU A 771 -27.09 -26.72 2.92
C GLU A 771 -27.07 -25.51 1.99
N LYS A 772 -25.88 -24.96 1.76
CA LYS A 772 -25.75 -23.76 0.96
C LYS A 772 -25.52 -24.03 -0.53
N SER A 773 -25.62 -25.29 -0.94
CA SER A 773 -25.46 -25.62 -2.36
C SER A 773 -26.75 -26.07 -3.02
N PRO A 774 -27.17 -25.34 -4.06
CA PRO A 774 -28.40 -25.60 -4.83
C PRO A 774 -28.39 -26.96 -5.50
N THR A 775 -27.25 -27.32 -6.06
CA THR A 775 -27.13 -28.59 -6.75
C THR A 775 -26.09 -29.40 -6.01
N GLU A 776 -25.84 -30.61 -6.48
CA GLU A 776 -24.74 -31.39 -5.95
C GLU A 776 -23.45 -31.11 -6.69
N GLU A 777 -23.59 -30.54 -7.89
CA GLU A 777 -22.44 -30.26 -8.73
C GLU A 777 -21.80 -28.97 -8.19
N LYS A 778 -22.65 -28.10 -7.65
CA LYS A 778 -22.18 -26.86 -7.03
C LYS A 778 -21.57 -27.14 -5.65
N PHE A 779 -22.06 -28.17 -4.96
CA PHE A 779 -21.46 -28.50 -3.67
C PHE A 779 -20.05 -29.05 -3.83
N GLN A 780 -19.83 -29.81 -4.91
CA GLN A 780 -18.52 -30.40 -5.21
C GLN A 780 -17.54 -29.28 -5.53
N ALA A 781 -18.00 -28.30 -6.32
CA ALA A 781 -17.23 -27.12 -6.70
C ALA A 781 -16.84 -26.27 -5.49
N ALA A 782 -17.73 -26.23 -4.50
CA ALA A 782 -17.53 -25.45 -3.28
C ALA A 782 -16.43 -26.09 -2.46
N VAL A 783 -16.46 -27.41 -2.39
CA VAL A 783 -15.46 -28.14 -1.65
C VAL A 783 -14.17 -27.94 -2.38
N GLU A 784 -14.25 -27.87 -3.70
CA GLU A 784 -13.08 -27.67 -4.51
C GLU A 784 -12.51 -26.28 -4.25
N ARG A 785 -13.33 -25.24 -4.37
CA ARG A 785 -12.87 -23.88 -4.07
C ARG A 785 -12.28 -23.64 -2.67
N PHE A 786 -12.90 -24.24 -1.66
CA PHE A 786 -12.48 -24.09 -0.28
C PHE A 786 -11.12 -24.69 -0.04
N VAL A 787 -10.78 -25.67 -0.86
CA VAL A 787 -9.49 -26.30 -0.73
C VAL A 787 -8.39 -25.33 -1.23
N TYR A 788 -8.62 -24.72 -2.39
CA TYR A 788 -7.67 -23.74 -2.92
C TYR A 788 -7.59 -22.51 -2.01
N SER A 789 -8.73 -21.86 -1.75
CA SER A 789 -8.75 -20.66 -0.93
C SER A 789 -8.19 -20.87 0.49
N CYS A 790 -8.41 -22.06 1.05
CA CYS A 790 -7.86 -22.37 2.37
C CYS A 790 -6.34 -22.52 2.26
N ALA A 791 -5.88 -23.21 1.23
CA ALA A 791 -4.45 -23.39 1.02
C ALA A 791 -3.82 -21.99 0.87
N GLY A 792 -4.54 -21.10 0.18
CA GLY A 792 -4.10 -19.73 -0.04
C GLY A 792 -3.84 -18.94 1.25
N TYR A 793 -4.85 -18.86 2.12
CA TYR A 793 -4.70 -18.07 3.33
C TYR A 793 -3.78 -18.79 4.31
N CYS A 794 -3.66 -20.10 4.17
CA CYS A 794 -2.68 -20.82 4.97
C CYS A 794 -1.25 -20.36 4.68
N VAL A 795 -0.84 -20.45 3.41
CA VAL A 795 0.53 -20.01 3.03
C VAL A 795 0.79 -18.48 3.24
N ALA A 796 -0.12 -17.65 2.74
CA ALA A 796 -0.01 -16.19 2.77
C ALA A 796 0.05 -15.65 4.18
N THR A 797 -0.82 -16.19 5.02
CA THR A 797 -0.87 -15.74 6.38
C THR A 797 0.37 -16.17 7.15
N PHE A 798 0.82 -17.40 6.95
CA PHE A 798 2.00 -17.84 7.69
C PHE A 798 3.22 -16.95 7.47
N VAL A 799 3.44 -16.58 6.22
CA VAL A 799 4.57 -15.76 5.83
C VAL A 799 4.47 -14.36 6.47
N LEU A 800 3.28 -13.78 6.44
CA LEU A 800 3.10 -12.47 7.06
C LEU A 800 3.05 -12.49 8.61
N GLY A 801 3.02 -13.69 9.18
CA GLY A 801 3.09 -13.80 10.62
C GLY A 801 1.81 -13.39 11.29
N ILE A 802 0.76 -13.32 10.50
CA ILE A 802 -0.60 -13.10 10.98
C ILE A 802 -1.44 -14.41 11.06
N GLY A 803 -0.79 -15.57 10.87
CA GLY A 803 -1.47 -16.86 10.76
C GLY A 803 -2.38 -17.36 11.88
N ASP A 804 -2.17 -16.82 13.09
CA ASP A 804 -2.91 -17.23 14.28
C ASP A 804 -3.98 -16.17 14.54
N ARG A 805 -5.21 -16.51 14.21
CA ARG A 805 -6.37 -15.62 14.23
C ARG A 805 -7.52 -16.39 14.84
N HIS A 806 -8.40 -15.67 15.50
CA HIS A 806 -9.68 -16.19 16.04
C HIS A 806 -10.62 -16.66 14.92
N ASN A 807 -11.45 -17.65 15.23
CA ASN A 807 -12.32 -18.19 14.20
C ASN A 807 -13.11 -17.00 13.71
N ASP A 808 -13.34 -16.06 14.62
CA ASP A 808 -14.18 -14.91 14.34
C ASP A 808 -13.75 -14.02 13.16
N ASN A 809 -12.45 -14.06 12.87
CA ASN A 809 -11.89 -13.29 11.76
C ASN A 809 -11.81 -14.07 10.47
N ILE A 810 -12.30 -15.30 10.46
CA ILE A 810 -12.22 -16.01 9.20
C ILE A 810 -13.66 -16.16 8.71
N MET A 811 -13.80 -16.09 7.39
CA MET A 811 -15.10 -16.05 6.76
C MET A 811 -15.12 -17.01 5.57
N ILE A 812 -16.30 -17.36 5.11
CA ILE A 812 -16.44 -18.19 3.92
C ILE A 812 -17.68 -17.78 3.12
N THR A 813 -17.64 -17.99 1.81
CA THR A 813 -18.82 -17.61 1.08
C THR A 813 -19.74 -18.83 1.03
N GLU A 814 -20.92 -18.69 0.43
CA GLU A 814 -21.84 -19.84 0.34
C GLU A 814 -21.33 -20.64 -0.84
N THR A 815 -20.35 -20.07 -1.52
CA THR A 815 -19.69 -20.69 -2.66
C THR A 815 -18.37 -21.44 -2.39
N GLY A 816 -18.00 -21.56 -1.11
CA GLY A 816 -16.83 -22.34 -0.74
C GLY A 816 -15.52 -21.57 -0.65
N ASN A 817 -15.59 -20.26 -0.88
CA ASN A 817 -14.41 -19.42 -0.81
C ASN A 817 -14.09 -18.94 0.61
N LEU A 818 -12.92 -19.28 1.13
CA LEU A 818 -12.59 -18.91 2.51
C LEU A 818 -11.71 -17.64 2.43
N PHE A 819 -11.91 -16.68 3.34
CA PHE A 819 -11.05 -15.48 3.37
C PHE A 819 -11.00 -14.91 4.77
N HIS A 820 -9.81 -14.42 5.13
CA HIS A 820 -9.53 -13.66 6.38
C HIS A 820 -9.97 -12.20 6.39
N ILE A 821 -10.21 -11.62 7.57
CA ILE A 821 -10.57 -10.19 7.65
C ILE A 821 -10.02 -9.47 8.87
N ASP A 822 -10.27 -8.17 9.01
CA ASP A 822 -9.87 -7.42 10.22
C ASP A 822 -8.40 -7.58 10.58
N PHE A 823 -7.51 -7.00 9.80
CA PHE A 823 -6.09 -7.20 10.03
C PHE A 823 -5.32 -6.26 10.98
N GLY A 824 -6.00 -5.33 11.64
CA GLY A 824 -5.35 -4.48 12.64
C GLY A 824 -4.03 -5.06 13.17
N HIS A 825 -4.12 -6.09 14.02
CA HIS A 825 -2.94 -6.91 14.34
C HIS A 825 -3.25 -8.39 14.64
N GLU A 839 0.82 -20.17 23.90
CA GLU A 839 0.93 -20.96 22.66
C GLU A 839 0.44 -20.27 21.39
N ARG A 840 0.75 -20.93 20.28
CA ARG A 840 0.47 -20.45 18.93
C ARG A 840 0.06 -21.61 18.01
N VAL A 841 -0.25 -21.27 16.77
CA VAL A 841 -0.45 -22.25 15.70
C VAL A 841 0.11 -21.47 14.48
N PRO A 842 0.74 -22.17 13.51
CA PRO A 842 1.28 -21.53 12.30
C PRO A 842 0.20 -20.83 11.49
N PHE A 843 -0.94 -21.50 11.40
CA PHE A 843 -2.13 -20.97 10.76
C PHE A 843 -3.33 -21.67 11.33
N VAL A 844 -4.47 -21.43 10.74
CA VAL A 844 -5.66 -22.09 11.23
C VAL A 844 -5.95 -23.25 10.28
N LEU A 845 -5.64 -24.47 10.69
CA LEU A 845 -6.16 -25.59 9.93
C LEU A 845 -6.88 -26.42 10.97
N THR A 846 -8.19 -26.28 11.01
CA THR A 846 -9.06 -27.01 11.94
C THR A 846 -9.74 -28.30 11.42
N PRO A 847 -10.15 -29.19 12.33
CA PRO A 847 -10.86 -30.42 11.96
C PRO A 847 -12.11 -30.12 11.13
N ASP A 848 -12.71 -28.96 11.35
CA ASP A 848 -13.90 -28.60 10.58
C ASP A 848 -13.47 -28.31 9.15
N PHE A 849 -12.28 -27.71 9.00
CA PHE A 849 -11.67 -27.53 7.68
C PHE A 849 -11.26 -28.88 7.10
N LEU A 850 -10.47 -29.60 7.88
CA LEU A 850 -10.03 -30.93 7.51
C LEU A 850 -11.16 -31.87 7.16
N PHE A 851 -12.24 -31.81 7.94
CA PHE A 851 -13.38 -32.67 7.65
C PHE A 851 -13.91 -32.44 6.22
N VAL A 852 -14.03 -31.18 5.82
CA VAL A 852 -14.46 -30.83 4.48
C VAL A 852 -13.52 -31.37 3.38
N MET A 853 -12.23 -31.57 3.73
CA MET A 853 -11.21 -32.09 2.79
C MET A 853 -11.29 -33.61 2.79
N GLY A 854 -12.21 -34.10 3.60
CA GLY A 854 -12.43 -35.51 3.78
C GLY A 854 -11.52 -36.35 4.69
N THR A 855 -11.21 -35.79 5.85
CA THR A 855 -10.41 -36.52 6.84
C THR A 855 -10.87 -35.93 8.16
N SER A 856 -10.79 -36.73 9.22
CA SER A 856 -11.08 -36.31 10.59
C SER A 856 -10.01 -36.88 11.51
N GLY A 857 -9.12 -36.04 12.03
CA GLY A 857 -7.94 -36.57 12.69
C GLY A 857 -7.04 -37.41 11.80
N LYS A 858 -5.92 -37.86 12.34
CA LYS A 858 -4.89 -38.37 11.48
C LYS A 858 -5.50 -39.40 10.56
N LYS A 859 -5.23 -39.17 9.28
CA LYS A 859 -5.58 -40.01 8.14
C LYS A 859 -5.36 -39.07 6.97
N THR A 860 -5.74 -39.51 5.78
CA THR A 860 -5.42 -38.82 4.52
C THR A 860 -6.55 -39.06 3.54
N SER A 861 -6.78 -38.13 2.62
CA SER A 861 -7.78 -38.32 1.57
C SER A 861 -7.34 -37.71 0.25
N PRO A 862 -8.14 -37.89 -0.83
CA PRO A 862 -7.80 -37.36 -2.17
C PRO A 862 -7.75 -35.80 -2.18
N HIS A 863 -8.68 -35.18 -1.46
CA HIS A 863 -8.77 -33.71 -1.36
C HIS A 863 -7.71 -33.24 -0.40
N PHE A 864 -7.53 -33.95 0.70
CA PHE A 864 -6.51 -33.53 1.64
C PHE A 864 -5.09 -33.61 1.06
N GLN A 865 -4.85 -34.55 0.15
CA GLN A 865 -3.56 -34.60 -0.59
C GLN A 865 -3.44 -33.40 -1.51
N LYS A 866 -4.54 -33.06 -2.16
CA LYS A 866 -4.62 -31.91 -3.03
C LYS A 866 -4.18 -30.66 -2.26
N PHE A 867 -4.75 -30.46 -1.07
CA PHE A 867 -4.36 -29.34 -0.19
C PHE A 867 -2.86 -29.15 0.09
N GLN A 868 -2.26 -30.13 0.78
CA GLN A 868 -0.82 -30.12 1.08
C GLN A 868 0.02 -29.83 -0.14
N ASP A 869 -0.34 -30.52 -1.21
CA ASP A 869 0.36 -30.45 -2.47
C ASP A 869 0.36 -29.02 -3.05
N ILE A 870 -0.77 -28.32 -2.93
CA ILE A 870 -0.91 -26.96 -3.40
C ILE A 870 -0.10 -25.98 -2.56
N CYS A 871 -0.22 -26.12 -1.24
CA CYS A 871 0.49 -25.28 -0.29
C CYS A 871 1.97 -25.30 -0.65
N VAL A 872 2.53 -26.49 -0.75
CA VAL A 872 3.91 -26.59 -1.12
C VAL A 872 4.18 -25.90 -2.45
N LYS A 873 3.38 -26.14 -3.50
CA LYS A 873 3.63 -25.45 -4.78
C LYS A 873 3.50 -23.94 -4.57
N ALA A 874 2.47 -23.55 -3.82
CA ALA A 874 2.21 -22.16 -3.50
C ALA A 874 3.39 -21.61 -2.68
N TYR A 875 3.78 -22.35 -1.65
CA TYR A 875 4.86 -21.94 -0.74
C TYR A 875 6.21 -21.70 -1.44
N LEU A 876 6.60 -22.60 -2.34
CA LEU A 876 7.91 -22.51 -2.96
C LEU A 876 7.89 -21.36 -3.99
N ALA A 877 6.73 -21.08 -4.56
CA ALA A 877 6.61 -20.00 -5.53
C ALA A 877 6.92 -18.68 -4.85
N LEU A 878 6.42 -18.50 -3.63
CA LEU A 878 6.72 -17.30 -2.88
C LEU A 878 8.22 -17.14 -2.58
N ARG A 879 8.84 -18.25 -2.20
CA ARG A 879 10.23 -18.26 -1.81
C ARG A 879 11.12 -17.73 -2.93
N HIS A 880 10.71 -17.92 -4.17
CA HIS A 880 11.43 -17.36 -5.32
C HIS A 880 11.48 -15.83 -5.29
N HIS A 881 10.48 -15.27 -4.62
CA HIS A 881 10.33 -13.83 -4.38
C HIS A 881 10.77 -13.25 -3.01
N THR A 882 11.51 -14.05 -2.23
CA THR A 882 11.82 -13.71 -0.83
C THR A 882 12.21 -12.23 -0.63
N ASN A 883 13.21 -11.79 -1.39
CA ASN A 883 13.71 -10.42 -1.31
C ASN A 883 12.55 -9.46 -1.53
N LEU A 884 11.74 -9.74 -2.56
CA LEU A 884 10.56 -8.92 -2.81
C LEU A 884 9.71 -8.92 -1.55
N LEU A 885 9.46 -10.11 -1.02
CA LEU A 885 8.64 -10.18 0.20
C LEU A 885 9.20 -9.50 1.41
N ILE A 886 10.50 -9.70 1.62
CA ILE A 886 11.24 -9.09 2.74
C ILE A 886 11.23 -7.55 2.76
N ILE A 887 11.57 -6.95 1.62
CA ILE A 887 11.56 -5.49 1.48
C ILE A 887 10.13 -4.93 1.67
N LEU A 888 9.17 -5.51 0.98
CA LEU A 888 7.79 -5.08 1.14
C LEU A 888 7.39 -5.12 2.61
N PHE A 889 7.64 -6.25 3.25
CA PHE A 889 7.33 -6.43 4.66
C PHE A 889 8.05 -5.36 5.53
N SER A 890 9.38 -5.28 5.41
CA SER A 890 10.11 -4.30 6.20
C SER A 890 9.60 -2.85 5.99
N MET A 891 9.35 -2.50 4.72
CA MET A 891 8.81 -1.17 4.45
C MET A 891 7.45 -0.99 5.12
N MET A 892 6.62 -2.02 5.07
CA MET A 892 5.30 -1.99 5.71
C MET A 892 5.44 -1.71 7.21
N LEU A 893 6.38 -2.39 7.87
CA LEU A 893 6.60 -2.10 9.29
C LEU A 893 7.02 -0.64 9.48
N MET A 894 8.01 -0.14 8.73
CA MET A 894 8.47 1.25 8.98
C MET A 894 7.37 2.27 8.74
N THR A 895 6.75 2.22 7.56
CA THR A 895 5.76 3.20 7.18
C THR A 895 4.37 2.90 7.76
N GLY A 896 4.06 1.63 7.97
CA GLY A 896 2.71 1.34 8.39
C GLY A 896 2.44 0.94 9.81
N MET A 897 3.43 0.50 10.59
CA MET A 897 3.09 0.13 11.96
C MET A 897 3.58 1.24 12.88
N PRO A 898 3.29 1.12 14.17
CA PRO A 898 3.92 1.98 15.18
C PRO A 898 5.40 1.65 15.29
N GLN A 899 6.12 2.33 16.19
CA GLN A 899 7.53 2.01 16.30
C GLN A 899 7.82 0.53 16.58
N LEU A 900 8.58 0.00 15.64
CA LEU A 900 9.06 -1.37 15.53
C LEU A 900 10.53 -1.65 15.83
N THR A 901 10.88 -2.92 15.79
CA THR A 901 12.27 -3.31 15.90
C THR A 901 12.62 -3.33 14.39
N SER A 902 13.52 -2.44 13.91
CA SER A 902 14.01 -2.54 12.51
C SER A 902 15.25 -3.43 12.69
N LYS A 903 15.10 -4.40 13.59
CA LYS A 903 15.96 -5.56 13.66
C LYS A 903 15.11 -6.83 13.85
N GLU A 904 14.55 -6.98 15.04
CA GLU A 904 13.75 -8.17 15.40
C GLU A 904 12.41 -8.39 14.67
N ASP A 905 11.62 -7.32 14.53
CA ASP A 905 10.26 -7.46 13.99
C ASP A 905 10.24 -7.95 12.54
N ILE A 906 11.15 -7.40 11.76
CA ILE A 906 11.36 -7.77 10.36
C ILE A 906 11.70 -9.25 10.22
N GLU A 907 12.47 -9.76 11.18
CA GLU A 907 13.04 -11.10 11.08
C GLU A 907 12.01 -12.24 10.99
N TYR A 908 10.93 -12.16 11.77
CA TYR A 908 9.93 -13.22 11.72
C TYR A 908 9.87 -13.84 10.32
N ILE A 909 9.69 -12.96 9.33
CA ILE A 909 9.49 -13.36 7.94
C ILE A 909 10.74 -14.03 7.30
N ARG A 910 11.92 -13.79 7.89
CA ARG A 910 13.14 -14.43 7.43
C ARG A 910 13.17 -15.90 7.81
N ASP A 911 12.79 -16.15 9.06
CA ASP A 911 12.69 -17.49 9.56
C ASP A 911 11.54 -18.19 8.86
N ALA A 912 10.42 -17.47 8.76
CA ALA A 912 9.19 -17.93 8.09
C ALA A 912 9.34 -18.42 6.64
N LEU A 913 10.17 -17.71 5.86
CA LEU A 913 10.41 -18.00 4.43
C LEU A 913 11.56 -18.96 4.24
N THR A 914 12.04 -19.48 5.36
CA THR A 914 13.09 -20.47 5.36
C THR A 914 14.25 -20.06 4.46
N VAL A 915 14.67 -18.82 4.64
CA VAL A 915 15.78 -18.31 3.90
C VAL A 915 16.97 -19.22 4.08
N GLY A 916 17.64 -19.56 2.99
CA GLY A 916 18.86 -20.34 3.09
C GLY A 916 18.76 -21.84 2.97
N LYS A 917 17.56 -22.35 2.89
CA LYS A 917 17.40 -23.79 2.82
C LYS A 917 17.21 -24.16 1.33
N ASN A 918 17.03 -25.44 1.03
CA ASN A 918 16.84 -25.82 -0.37
C ASN A 918 15.41 -26.19 -0.41
N GLU A 919 14.81 -26.10 -1.58
CA GLU A 919 13.37 -26.31 -1.74
C GLU A 919 12.91 -27.59 -1.05
N GLU A 920 13.80 -28.56 -0.94
CA GLU A 920 13.47 -29.83 -0.27
C GLU A 920 13.19 -29.72 1.23
N ASP A 921 14.12 -29.13 1.97
CA ASP A 921 13.97 -28.95 3.40
C ASP A 921 12.72 -28.09 3.59
N ALA A 922 12.56 -27.09 2.74
CA ALA A 922 11.41 -26.17 2.79
C ALA A 922 10.05 -26.86 2.67
N LYS A 923 9.90 -27.68 1.65
CA LYS A 923 8.68 -28.43 1.43
C LYS A 923 8.30 -29.22 2.68
N LYS A 924 9.30 -29.81 3.31
CA LYS A 924 9.08 -30.51 4.56
C LYS A 924 8.63 -29.60 5.69
N TYR A 925 9.38 -28.51 5.85
CA TYR A 925 9.16 -27.54 6.90
C TYR A 925 7.71 -27.13 6.92
N PHE A 926 7.17 -26.86 5.74
CA PHE A 926 5.81 -26.37 5.66
C PHE A 926 4.84 -27.50 6.00
N LEU A 927 5.10 -28.67 5.44
CA LEU A 927 4.30 -29.86 5.72
C LEU A 927 4.24 -30.16 7.21
N ASP A 928 5.35 -29.93 7.92
CA ASP A 928 5.36 -30.14 9.36
C ASP A 928 4.38 -29.18 10.03
N GLN A 929 4.35 -27.96 9.52
CA GLN A 929 3.48 -26.90 10.01
C GLN A 929 2.04 -27.45 9.97
N ILE A 930 1.67 -28.08 8.85
CA ILE A 930 0.36 -28.73 8.70
C ILE A 930 0.23 -29.74 9.88
N GLU A 931 1.25 -30.56 10.13
CA GLU A 931 1.18 -31.48 11.26
C GLU A 931 0.95 -30.75 12.56
N VAL A 932 1.68 -29.66 12.75
CA VAL A 932 1.52 -28.87 13.95
C VAL A 932 0.08 -28.39 14.17
N CYS A 933 -0.62 -28.18 13.04
CA CYS A 933 -2.02 -27.72 13.03
C CYS A 933 -3.00 -28.83 13.26
N ARG A 934 -2.59 -30.02 12.88
CA ARG A 934 -3.36 -31.23 13.08
C ARG A 934 -3.32 -31.67 14.56
N ASP A 935 -2.20 -31.35 15.22
CA ASP A 935 -1.94 -31.65 16.65
C ASP A 935 -2.61 -30.70 17.67
N LYS A 936 -2.84 -29.46 17.29
CA LYS A 936 -3.51 -28.49 18.17
C LYS A 936 -5.01 -28.72 18.12
N GLY A 937 -5.52 -29.12 16.95
CA GLY A 937 -6.93 -29.30 16.78
C GLY A 937 -7.60 -28.01 17.13
N TRP A 938 -8.50 -28.08 18.11
CA TRP A 938 -9.27 -26.95 18.58
C TRP A 938 -8.61 -26.27 19.78
N THR A 939 -7.39 -26.66 20.15
CA THR A 939 -6.84 -26.08 21.36
C THR A 939 -6.62 -24.60 21.29
N VAL A 940 -6.11 -24.13 20.16
CA VAL A 940 -5.87 -22.71 19.93
C VAL A 940 -7.12 -21.82 19.88
N GLN A 941 -8.09 -22.26 19.10
CA GLN A 941 -9.38 -21.59 18.94
C GLN A 941 -10.09 -21.41 20.27
N PHE A 942 -10.12 -22.51 21.01
CA PHE A 942 -10.76 -22.61 22.32
C PHE A 942 -10.29 -21.54 23.32
N ASN A 943 -9.01 -21.18 23.33
CA ASN A 943 -8.50 -20.15 24.26
C ASN A 943 -9.02 -18.71 24.18
N TRP A 944 -9.25 -18.12 23.01
CA TRP A 944 -9.87 -16.80 23.04
C TRP A 944 -11.15 -16.90 23.89
N PHE A 945 -11.45 -15.82 24.60
CA PHE A 945 -12.62 -15.72 25.46
C PHE A 945 -12.28 -16.20 26.88
N LEU A 946 -11.13 -16.83 27.03
CA LEU A 946 -10.66 -17.22 28.35
C LEU A 946 -10.40 -16.00 29.23
N HIS A 947 -9.78 -14.98 28.64
CA HIS A 947 -9.46 -13.74 29.35
C HIS A 947 -10.55 -12.69 29.19
N LEU A 948 -11.56 -13.00 28.38
CA LEU A 948 -12.64 -12.08 28.09
C LEU A 948 -13.25 -11.52 29.38
N VAL A 949 -13.40 -12.38 30.38
CA VAL A 949 -13.97 -11.97 31.65
C VAL A 949 -13.83 -13.07 32.70
C1 980 B . -17.69 -8.60 12.35
C2 980 B . -17.89 -8.85 10.89
C3 980 B . -18.93 -9.67 10.35
S4 980 B . -18.72 -9.65 8.64
C5 980 B . -17.34 -8.61 8.56
C6 980 B . -17.00 -8.27 9.87
N7 980 B . -15.91 -7.45 10.10
C8 980 B . -15.17 -6.94 9.09
N9 980 B . -15.49 -7.28 7.82
C10 980 B . -16.53 -8.08 7.51
N11 980 B . -16.79 -8.39 6.12
C12 980 B . -18.07 -8.12 5.67
C13 980 B . -18.33 -8.98 4.47
O14 980 B . -17.37 -8.87 3.45
C15 980 B . -16.08 -9.07 3.94
C16 980 B . -15.81 -8.21 5.13
C17 980 B . -13.97 -6.04 9.36
C18 980 B . -12.84 -6.12 8.52
N19 980 B . -11.77 -5.33 8.75
C20 980 B . -11.77 -4.48 9.78
N21 980 B . -12.84 -4.37 10.58
C22 980 B . -13.94 -5.13 10.41
N23 980 B . -10.63 -3.65 10.01
C24 980 B . -20.01 -10.44 11.09
N25 980 B . -21.02 -9.74 11.45
C26 980 B . -22.01 -10.56 11.89
C27 980 B . -23.18 -9.78 12.42
N28 980 B . -23.58 -8.75 11.66
C29 980 B . -22.63 -8.10 10.98
C30 980 B . -21.53 -8.98 10.44
C31 980 B . -24.96 -8.32 11.60
O32 980 B . -25.23 -7.37 10.89
C33 980 B . -26.01 -9.08 12.38
C35 980 B . -27.41 -8.81 11.87
O36 980 B . -25.94 -8.79 13.72
#